data_4FNQ
#
_entry.id   4FNQ
#
_cell.length_a   87.300
_cell.length_b   113.100
_cell.length_c   161.600
_cell.angle_alpha   90.00
_cell.angle_beta   90.00
_cell.angle_gamma   90.00
#
_symmetry.space_group_name_H-M   'I 2 2 2'
#
loop_
_entity.id
_entity.type
_entity.pdbx_description
1 polymer 'Alpha-galactosidase AgaB'
2 non-polymer 1,2-ETHANEDIOL
3 water water
#
_entity_poly.entity_id   1
_entity_poly.type   'polypeptide(L)'
_entity_poly.pdbx_seq_one_letter_code
;MAVTYNPQTKQFHLRAGKASYVMQLFRSGYLAHIYWGKAVRDVRGERRFSRLDRAFSPNPDPSDRTFSLDTLPQEYPAYG
NTDFRSPAYQVQLENGSTVTDLRYKTHRIYKGKPRLNGLPATYVEHEQEAETLEIVLGDALIGLEVTLQYTAYEKWNVIT
RAARFENKGGERLKLLRALSMSVDFPTADYDWIHLPGAWGRERWIERRPLVTGVQAAESRRGASSHQQNPFIALVAKNAD
EHQGEVYGFSFVYSGNFLAQVEVDQFHTARVSMGINPFDFTWLLQPGESFQTPEVVMVYSDQGLNGMSQTYHELYRTRLA
RGAFRDRERPILINNWEATYFDFNEEKLVNIAKTEAELGIELFVLDDGWFGKRDDDRRSLGDWIVNRRKLPNGLDGLAKQ
VNELGMQFGLWVEPEMVSPNSELYRKHPDWCLHVPNRPRSEGRNQLVLDYSREDVCDYIIETISNVLASAPITYVKWDMN
RHMTEIGSSALPPERQRETAHRYMLGLYRVMDEMTSRFPHILFESCSGGGGRFDPGMLYYMPQTWTSDNTDAVSRLKIQY
GTSLVYPISAMGAHVSAVPNHQVGRVASLKARGHVAMSGNFGYELDITKLTETEKQMIKQQVAFYKDVRRLVQFGTFYRL
LSPFEGNEAAWMFVSADRSEALVAYFRVLAEANAPLSYLRLKGLDPNQDYEIEGLGVYGGDELMYAGVALPYRSGDFISM
MWRLKAVQQ
;
_entity_poly.pdbx_strand_id   A
#
loop_
_chem_comp.id
_chem_comp.type
_chem_comp.name
_chem_comp.formula
EDO non-polymer 1,2-ETHANEDIOL 'C2 H6 O2'
#
# COMPACT_ATOMS: atom_id res chain seq x y z
N MET A 1 -20.49 -5.27 -9.92
CA MET A 1 -20.71 -4.26 -10.93
C MET A 1 -22.13 -3.76 -10.92
N ALA A 2 -23.08 -4.64 -10.57
CA ALA A 2 -24.45 -4.36 -10.96
C ALA A 2 -25.11 -3.53 -9.87
N VAL A 3 -25.23 -2.23 -10.11
CA VAL A 3 -25.68 -1.32 -9.06
C VAL A 3 -27.09 -0.86 -9.34
N THR A 4 -27.98 -1.06 -8.38
CA THR A 4 -29.39 -0.72 -8.61
C THR A 4 -29.97 0.10 -7.48
N TYR A 5 -31.04 0.83 -7.77
CA TYR A 5 -31.82 1.50 -6.75
C TYR A 5 -33.27 1.10 -6.93
N ASN A 6 -33.87 0.65 -5.85
CA ASN A 6 -35.27 0.23 -5.87
C ASN A 6 -36.11 1.35 -5.28
N PRO A 7 -36.91 2.04 -6.12
CA PRO A 7 -37.69 3.19 -5.65
C PRO A 7 -38.80 2.82 -4.68
N GLN A 8 -39.25 1.58 -4.70
CA GLN A 8 -40.28 1.15 -3.77
C GLN A 8 -39.71 0.99 -2.37
N THR A 9 -38.54 0.36 -2.27
CA THR A 9 -37.91 0.14 -0.97
C THR A 9 -36.89 1.23 -0.60
N LYS A 10 -36.56 2.07 -1.57
CA LYS A 10 -35.55 3.14 -1.42
C LYS A 10 -34.20 2.53 -1.03
N GLN A 11 -33.92 1.36 -1.58
CA GLN A 11 -32.72 0.60 -1.26
C GLN A 11 -31.73 0.64 -2.41
N PHE A 12 -30.45 0.88 -2.09
CA PHE A 12 -29.38 0.78 -3.07
C PHE A 12 -28.76 -0.59 -2.87
N HIS A 13 -28.59 -1.35 -3.95
CA HIS A 13 -27.95 -2.67 -3.85
C HIS A 13 -26.76 -2.68 -4.78
N LEU A 14 -25.57 -2.77 -4.21
CA LEU A 14 -24.34 -2.81 -5.00
C LEU A 14 -23.88 -4.25 -5.02
N ARG A 15 -23.80 -4.82 -6.21
CA ARG A 15 -23.32 -6.20 -6.34
C ARG A 15 -21.91 -6.14 -6.88
N ALA A 16 -20.96 -6.59 -6.07
CA ALA A 16 -19.56 -6.59 -6.49
C ALA A 16 -19.04 -8.01 -6.41
N GLY A 17 -18.66 -8.58 -7.56
CA GLY A 17 -18.22 -9.98 -7.59
C GLY A 17 -19.27 -10.84 -6.93
N LYS A 18 -18.89 -11.56 -5.89
CA LYS A 18 -19.84 -12.42 -5.19
C LYS A 18 -20.27 -11.84 -3.86
N ALA A 19 -20.19 -10.51 -3.74
CA ALA A 19 -20.59 -9.79 -2.52
C ALA A 19 -21.75 -8.82 -2.78
N SER A 20 -22.51 -8.52 -1.73
CA SER A 20 -23.57 -7.51 -1.77
C SER A 20 -23.24 -6.41 -0.77
N TYR A 21 -23.54 -5.17 -1.13
CA TYR A 21 -23.42 -4.03 -0.23
C TYR A 21 -24.70 -3.25 -0.41
N VAL A 22 -25.44 -3.08 0.68
CA VAL A 22 -26.82 -2.60 0.59
C VAL A 22 -27.02 -1.42 1.51
N MET A 23 -27.65 -0.36 0.99
CA MET A 23 -27.98 0.82 1.77
C MET A 23 -29.45 1.17 1.56
N GLN A 24 -30.00 2.01 2.43
CA GLN A 24 -31.42 2.35 2.30
C GLN A 24 -31.72 3.73 2.83
N LEU A 25 -32.55 4.48 2.11
CA LEU A 25 -32.99 5.79 2.57
C LEU A 25 -34.01 5.59 3.69
N PHE A 26 -33.93 6.44 4.72
CA PHE A 26 -34.69 6.24 5.95
C PHE A 26 -35.27 7.56 6.43
N ARG A 27 -36.59 7.58 6.64
CA ARG A 27 -37.29 8.78 7.10
C ARG A 27 -36.97 9.99 6.24
N SER A 28 -36.68 11.13 6.86
CA SER A 28 -36.47 12.35 6.11
C SER A 28 -35.08 12.49 5.50
N GLY A 29 -34.72 11.54 4.64
CA GLY A 29 -33.49 11.66 3.87
C GLY A 29 -32.24 11.16 4.57
N TYR A 30 -32.39 10.33 5.59
CA TYR A 30 -31.19 9.74 6.20
C TYR A 30 -30.75 8.54 5.38
N LEU A 31 -29.45 8.26 5.39
CA LEU A 31 -28.96 7.15 4.58
C LEU A 31 -28.39 6.09 5.49
N ALA A 32 -29.03 4.93 5.50
CA ALA A 32 -28.69 3.86 6.43
C ALA A 32 -27.85 2.78 5.78
N HIS A 33 -26.90 2.23 6.54
CA HIS A 33 -26.21 1.03 6.11
C HIS A 33 -27.01 -0.22 6.47
N ILE A 34 -27.26 -1.08 5.50
CA ILE A 34 -28.08 -2.27 5.74
C ILE A 34 -27.27 -3.56 5.86
N TYR A 35 -26.38 -3.79 4.89
CA TYR A 35 -25.71 -5.09 4.79
C TYR A 35 -24.48 -5.05 3.91
N TRP A 36 -23.50 -5.85 4.29
CA TRP A 36 -22.32 -6.05 3.46
C TRP A 36 -21.82 -7.44 3.78
N GLY A 37 -21.81 -8.29 2.77
CA GLY A 37 -21.44 -9.69 2.95
C GLY A 37 -21.63 -10.48 1.68
N LYS A 38 -21.78 -11.79 1.83
CA LYS A 38 -21.94 -12.65 0.67
C LYS A 38 -23.18 -12.23 -0.11
N ALA A 39 -23.10 -12.27 -1.44
CA ALA A 39 -24.19 -11.80 -2.30
C ALA A 39 -25.55 -12.40 -1.94
N VAL A 40 -26.57 -11.55 -1.88
CA VAL A 40 -27.94 -12.00 -1.70
C VAL A 40 -28.77 -11.44 -2.84
N ARG A 41 -29.91 -12.04 -3.13
CA ARG A 41 -30.81 -11.47 -4.13
C ARG A 41 -31.48 -10.22 -3.55
N ASP A 42 -31.95 -10.32 -2.32
CA ASP A 42 -32.53 -9.17 -1.62
C ASP A 42 -32.29 -9.28 -0.13
N VAL A 43 -32.30 -8.14 0.55
CA VAL A 43 -32.25 -8.10 2.00
C VAL A 43 -33.09 -6.93 2.48
N ARG A 44 -34.04 -7.21 3.37
CA ARG A 44 -34.95 -6.18 3.83
C ARG A 44 -34.30 -5.29 4.88
N GLY A 45 -34.50 -3.98 4.75
CA GLY A 45 -33.82 -3.00 5.58
C GLY A 45 -34.28 -3.00 7.02
N SER A 50 -34.58 -2.48 14.19
CA SER A 50 -35.33 -2.60 15.43
C SER A 50 -34.73 -1.75 16.54
N ARG A 51 -35.55 -1.37 17.50
CA ARG A 51 -35.08 -0.75 18.73
C ARG A 51 -34.12 0.42 18.51
N LEU A 52 -34.43 1.27 17.55
CA LEU A 52 -33.62 2.47 17.36
C LEU A 52 -33.85 3.44 18.50
N ASP A 53 -34.94 3.23 19.24
CA ASP A 53 -35.28 4.06 20.38
C ASP A 53 -34.53 3.52 21.61
N ARG A 54 -33.62 4.32 22.15
CA ARG A 54 -32.80 3.85 23.26
C ARG A 54 -32.60 4.95 24.29
N ALA A 55 -32.57 4.58 25.56
CA ALA A 55 -32.31 5.52 26.65
C ALA A 55 -31.05 6.33 26.36
N PHE A 56 -31.20 7.65 26.43
CA PHE A 56 -30.11 8.61 26.28
C PHE A 56 -29.59 8.77 24.84
N SER A 57 -30.27 8.11 23.90
CA SER A 57 -30.06 8.36 22.48
C SER A 57 -31.20 9.27 22.03
N PRO A 58 -30.91 10.57 21.85
CA PRO A 58 -31.99 11.54 21.64
C PRO A 58 -32.52 11.55 20.21
N ASN A 59 -33.63 12.28 20.03
CA ASN A 59 -34.39 12.25 18.78
C ASN A 59 -34.18 13.49 17.95
N PRO A 60 -33.69 13.31 16.71
CA PRO A 60 -33.47 14.46 15.82
C PRO A 60 -34.82 15.05 15.38
N ASP A 61 -35.84 14.21 15.26
CA ASP A 61 -37.17 14.70 14.90
C ASP A 61 -38.10 14.55 16.10
N PRO A 62 -38.49 15.69 16.71
CA PRO A 62 -39.32 15.74 17.92
C PRO A 62 -40.67 15.06 17.70
N SER A 63 -41.10 15.03 16.44
CA SER A 63 -42.38 14.42 16.05
C SER A 63 -42.24 12.92 15.85
N ASP A 64 -41.04 12.41 16.00
CA ASP A 64 -40.76 11.02 15.68
C ASP A 64 -39.73 10.47 16.66
N ARG A 65 -40.22 9.85 17.73
CA ARG A 65 -39.33 9.34 18.77
C ARG A 65 -39.04 7.85 18.58
N THR A 66 -39.05 7.42 17.32
CA THR A 66 -38.75 6.03 16.99
C THR A 66 -37.26 5.80 16.71
N PHE A 67 -36.49 6.88 16.56
CA PHE A 67 -35.07 6.70 16.24
C PHE A 67 -34.16 7.80 16.71
N SER A 68 -32.87 7.48 16.69
CA SER A 68 -31.82 8.44 17.02
C SER A 68 -30.74 8.27 15.99
N LEU A 69 -29.97 9.32 15.72
CA LEU A 69 -28.78 9.12 14.90
C LEU A 69 -27.70 8.38 15.70
N ASP A 70 -27.90 8.28 17.02
CA ASP A 70 -27.00 7.52 17.88
C ASP A 70 -27.17 6.00 17.71
N THR A 71 -28.25 5.60 17.05
CA THR A 71 -28.53 4.17 16.88
C THR A 71 -28.71 3.73 15.44
N LEU A 72 -29.02 4.67 14.55
CA LEU A 72 -29.22 4.31 13.15
C LEU A 72 -27.87 3.95 12.52
N PRO A 73 -27.77 2.77 11.87
CA PRO A 73 -26.50 2.49 11.19
C PRO A 73 -26.37 3.35 9.94
N GLN A 74 -25.22 4.00 9.75
CA GLN A 74 -25.07 5.00 8.69
C GLN A 74 -23.90 4.78 7.76
N GLU A 75 -23.89 5.53 6.65
CA GLU A 75 -22.81 5.53 5.68
C GLU A 75 -21.85 6.69 5.89
N TYR A 76 -22.36 7.81 6.38
CA TYR A 76 -21.50 8.98 6.53
C TYR A 76 -21.98 9.86 7.67
N PRO A 77 -21.85 9.37 8.90
CA PRO A 77 -22.43 9.99 10.10
C PRO A 77 -21.73 11.29 10.54
N ALA A 78 -22.53 12.19 11.10
CA ALA A 78 -22.01 13.39 11.73
C ALA A 78 -22.24 13.32 13.23
N TYR A 79 -21.48 14.13 13.95
CA TYR A 79 -21.66 14.29 15.39
C TYR A 79 -22.40 15.59 15.66
N GLY A 80 -23.26 15.60 16.66
CA GLY A 80 -23.80 16.87 17.10
C GLY A 80 -25.31 16.97 17.04
N ASN A 81 -25.95 16.22 16.15
CA ASN A 81 -27.41 16.23 16.10
C ASN A 81 -27.86 14.80 16.31
N THR A 82 -27.59 14.34 17.53
CA THR A 82 -28.06 13.10 18.18
C THR A 82 -27.17 11.86 18.08
N ASP A 83 -26.23 11.82 17.14
CA ASP A 83 -25.26 10.71 17.14
C ASP A 83 -24.10 11.06 18.07
N PHE A 84 -23.79 10.20 19.02
CA PHE A 84 -22.66 10.46 19.90
C PHE A 84 -21.44 9.62 19.55
N ARG A 85 -21.55 8.83 18.47
CA ARG A 85 -20.45 7.96 18.05
C ARG A 85 -19.45 8.75 17.21
N SER A 86 -18.33 8.12 16.86
CA SER A 86 -17.28 8.79 16.08
C SER A 86 -17.79 9.18 14.70
N PRO A 87 -17.70 10.47 14.34
CA PRO A 87 -18.26 10.91 13.07
C PRO A 87 -17.31 10.67 11.90
N ALA A 88 -17.86 10.62 10.69
CA ALA A 88 -17.04 10.44 9.50
C ALA A 88 -16.42 11.76 9.06
N TYR A 89 -17.07 12.85 9.44
CA TYR A 89 -16.63 14.17 9.01
C TYR A 89 -17.10 15.14 10.07
N GLN A 90 -16.50 16.32 10.06
CA GLN A 90 -16.97 17.42 10.89
C GLN A 90 -16.55 18.73 10.24
N VAL A 91 -17.44 19.71 10.33
CA VAL A 91 -17.26 21.01 9.68
C VAL A 91 -17.52 22.10 10.71
N GLN A 92 -16.63 23.10 10.77
CA GLN A 92 -16.90 24.25 11.62
C GLN A 92 -17.38 25.43 10.77
N LEU A 93 -18.44 26.08 11.23
CA LEU A 93 -19.02 27.23 10.53
C LEU A 93 -18.41 28.52 11.04
N GLU A 94 -18.65 29.62 10.31
CA GLU A 94 -18.16 30.91 10.75
C GLU A 94 -18.67 31.28 12.15
N ASN A 95 -19.87 30.82 12.50
CA ASN A 95 -20.39 31.14 13.83
C ASN A 95 -19.81 30.28 14.95
N GLY A 96 -18.89 29.38 14.59
CA GLY A 96 -18.21 28.55 15.57
C GLY A 96 -18.88 27.22 15.86
N SER A 97 -20.12 27.09 15.42
CA SER A 97 -20.87 25.85 15.55
C SER A 97 -20.19 24.77 14.73
N THR A 98 -20.35 23.52 15.15
CA THR A 98 -19.86 22.39 14.35
C THR A 98 -21.02 21.48 13.95
N VAL A 99 -22.24 21.98 14.03
CA VAL A 99 -23.38 21.14 13.72
C VAL A 99 -23.68 21.23 12.23
N THR A 100 -23.74 20.06 11.60
CA THR A 100 -24.13 19.95 10.20
C THR A 100 -25.19 18.86 10.06
N ASP A 101 -26.05 18.99 9.06
CA ASP A 101 -27.19 18.10 8.93
C ASP A 101 -27.36 17.72 7.47
N LEU A 102 -26.52 16.81 6.99
CA LEU A 102 -26.67 16.31 5.62
C LEU A 102 -27.89 15.43 5.48
N ARG A 103 -28.68 15.66 4.43
CA ARG A 103 -29.77 14.75 4.09
C ARG A 103 -29.66 14.39 2.62
N TYR A 104 -30.19 13.22 2.27
CA TYR A 104 -30.20 12.77 0.88
C TYR A 104 -30.90 13.80 0.00
N LYS A 105 -30.29 14.12 -1.13
CA LYS A 105 -30.94 14.98 -2.13
C LYS A 105 -31.26 14.17 -3.37
N THR A 106 -30.24 13.53 -3.94
CA THR A 106 -30.44 12.80 -5.19
C THR A 106 -29.31 11.79 -5.38
N HIS A 107 -29.37 11.03 -6.46
CA HIS A 107 -28.27 10.12 -6.79
C HIS A 107 -28.20 9.86 -8.28
N ARG A 108 -27.07 9.33 -8.73
CA ARG A 108 -26.93 8.90 -10.10
C ARG A 108 -26.14 7.61 -10.14
N ILE A 109 -26.44 6.77 -11.13
CA ILE A 109 -25.70 5.53 -11.33
C ILE A 109 -25.16 5.56 -12.75
N TYR A 110 -23.90 5.20 -12.93
CA TYR A 110 -23.34 5.10 -14.27
C TYR A 110 -22.31 3.99 -14.38
N LYS A 111 -22.06 3.58 -15.62
CA LYS A 111 -21.08 2.54 -15.86
C LYS A 111 -19.67 3.09 -15.77
N GLY A 112 -18.74 2.22 -15.35
CA GLY A 112 -17.34 2.58 -15.25
C GLY A 112 -16.97 3.10 -13.87
N LYS A 113 -15.88 3.85 -13.81
CA LYS A 113 -15.34 4.34 -12.55
C LYS A 113 -14.62 5.63 -12.83
N PRO A 114 -14.95 6.69 -12.09
CA PRO A 114 -14.34 8.01 -12.35
C PRO A 114 -12.91 8.09 -11.85
N ARG A 115 -12.15 9.04 -12.39
CA ARG A 115 -10.88 9.41 -11.78
C ARG A 115 -11.20 10.32 -10.60
N LEU A 116 -10.28 10.39 -9.64
CA LEU A 116 -10.44 11.29 -8.50
C LEU A 116 -9.48 12.46 -8.68
N ASN A 117 -9.99 13.68 -8.52
CA ASN A 117 -9.20 14.89 -8.73
C ASN A 117 -7.94 14.90 -7.87
N GLY A 118 -6.78 14.95 -8.53
CA GLY A 118 -5.51 15.10 -7.83
C GLY A 118 -5.01 13.86 -7.12
N LEU A 119 -5.69 12.73 -7.32
CA LEU A 119 -5.47 11.56 -6.48
C LEU A 119 -5.32 10.26 -7.24
N PRO A 120 -4.60 9.28 -6.65
CA PRO A 120 -4.62 7.94 -7.20
C PRO A 120 -5.95 7.26 -6.90
N ALA A 121 -6.34 6.31 -7.74
CA ALA A 121 -7.51 5.49 -7.47
C ALA A 121 -7.46 4.26 -8.36
N THR A 122 -8.01 3.18 -7.85
CA THR A 122 -8.25 2.01 -8.69
C THR A 122 -9.05 2.47 -9.91
N TYR A 123 -8.91 1.75 -11.01
CA TYR A 123 -9.55 2.20 -12.25
C TYR A 123 -10.14 1.04 -13.03
N VAL A 124 -10.79 1.36 -14.15
CA VAL A 124 -11.23 0.33 -15.08
C VAL A 124 -10.63 0.61 -16.45
N GLU A 125 -10.51 -0.44 -17.26
CA GLU A 125 -10.07 -0.29 -18.65
C GLU A 125 -11.26 -0.31 -19.60
N HIS A 126 -12.38 -0.85 -19.13
CA HIS A 126 -13.61 -0.88 -19.90
C HIS A 126 -14.78 -0.62 -18.95
N GLU A 127 -15.78 0.12 -19.41
CA GLU A 127 -16.91 0.52 -18.57
C GLU A 127 -17.63 -0.66 -17.96
N GLN A 128 -17.60 -1.78 -18.66
CA GLN A 128 -18.28 -2.98 -18.25
C GLN A 128 -17.68 -3.57 -16.96
N GLU A 129 -16.48 -3.11 -16.60
CA GLU A 129 -15.78 -3.69 -15.46
C GLU A 129 -16.35 -3.30 -14.10
N ALA A 130 -17.08 -2.19 -14.09
CA ALA A 130 -17.61 -1.66 -12.82
C ALA A 130 -18.79 -0.75 -13.08
N GLU A 131 -19.55 -0.45 -12.03
CA GLU A 131 -20.54 0.63 -12.08
C GLU A 131 -20.39 1.47 -10.84
N THR A 132 -20.74 2.75 -10.97
CA THR A 132 -20.51 3.72 -9.90
C THR A 132 -21.83 4.34 -9.49
N LEU A 133 -22.02 4.52 -8.19
CA LEU A 133 -23.17 5.21 -7.61
C LEU A 133 -22.65 6.46 -6.91
N GLU A 134 -23.29 7.58 -7.19
CA GLU A 134 -22.99 8.81 -6.46
C GLU A 134 -24.24 9.21 -5.72
N ILE A 135 -24.15 9.32 -4.40
CA ILE A 135 -25.28 9.75 -3.61
C ILE A 135 -25.02 11.18 -3.13
N VAL A 136 -25.86 12.12 -3.58
CA VAL A 136 -25.67 13.52 -3.25
C VAL A 136 -26.41 13.87 -1.97
N LEU A 137 -25.65 14.29 -0.96
CA LEU A 137 -26.22 14.72 0.30
C LEU A 137 -26.05 16.22 0.40
N GLY A 138 -26.88 16.86 1.21
CA GLY A 138 -26.81 18.30 1.35
C GLY A 138 -27.37 18.80 2.66
N ASP A 139 -26.77 19.88 3.15
CA ASP A 139 -27.26 20.64 4.29
C ASP A 139 -27.64 21.99 3.71
N ALA A 140 -28.94 22.18 3.45
CA ALA A 140 -29.42 23.37 2.74
C ALA A 140 -29.10 24.66 3.45
N LEU A 141 -29.17 24.63 4.78
CA LEU A 141 -28.96 25.81 5.60
C LEU A 141 -27.61 26.44 5.30
N ILE A 142 -26.58 25.61 5.20
CA ILE A 142 -25.22 26.10 5.03
C ILE A 142 -24.67 25.90 3.64
N GLY A 143 -25.39 25.19 2.79
CA GLY A 143 -24.98 25.03 1.41
C GLY A 143 -23.84 24.04 1.27
N LEU A 144 -23.74 23.14 2.24
CA LEU A 144 -22.73 22.08 2.17
C LEU A 144 -23.29 20.90 1.40
N GLU A 145 -22.60 20.51 0.33
CA GLU A 145 -22.95 19.29 -0.39
C GLU A 145 -21.83 18.27 -0.18
N VAL A 146 -22.22 17.02 0.07
CA VAL A 146 -21.27 15.93 0.13
C VAL A 146 -21.78 14.82 -0.79
N THR A 147 -20.98 14.46 -1.78
CA THR A 147 -21.33 13.38 -2.67
C THR A 147 -20.57 12.13 -2.22
N LEU A 148 -21.31 11.11 -1.83
CA LEU A 148 -20.71 9.82 -1.48
C LEU A 148 -20.52 9.03 -2.76
N GLN A 149 -19.28 8.60 -3.02
CA GLN A 149 -18.97 7.92 -4.27
C GLN A 149 -18.70 6.45 -3.95
N TYR A 150 -19.38 5.57 -4.68
CA TYR A 150 -19.28 4.13 -4.50
C TYR A 150 -19.04 3.49 -5.83
N THR A 151 -18.08 2.57 -5.91
CA THR A 151 -17.94 1.77 -7.10
C THR A 151 -17.95 0.29 -6.76
N ALA A 152 -18.70 -0.48 -7.55
CA ALA A 152 -18.73 -1.94 -7.43
C ALA A 152 -18.11 -2.58 -8.66
N TYR A 153 -17.11 -3.45 -8.46
CA TYR A 153 -16.48 -4.15 -9.59
C TYR A 153 -17.27 -5.40 -9.93
N GLU A 154 -17.25 -5.77 -11.20
CA GLU A 154 -17.95 -6.95 -11.69
C GLU A 154 -17.27 -8.21 -11.21
N LYS A 155 -15.97 -8.25 -11.46
CA LYS A 155 -15.18 -9.46 -11.37
C LYS A 155 -14.70 -9.75 -9.96
N TRP A 156 -14.58 -8.72 -9.13
CA TRP A 156 -14.02 -8.90 -7.81
C TRP A 156 -14.97 -8.45 -6.73
N ASN A 157 -14.80 -8.99 -5.52
CA ASN A 157 -15.64 -8.62 -4.38
C ASN A 157 -15.20 -7.26 -3.81
N VAL A 158 -15.22 -6.23 -4.64
CA VAL A 158 -14.59 -4.95 -4.31
C VAL A 158 -15.60 -3.83 -4.38
N ILE A 159 -15.75 -3.11 -3.28
CA ILE A 159 -16.51 -1.86 -3.26
C ILE A 159 -15.47 -0.81 -2.95
N THR A 160 -15.45 0.29 -3.70
CA THR A 160 -14.55 1.38 -3.36
C THR A 160 -15.40 2.57 -2.95
N ARG A 161 -14.89 3.36 -2.01
CA ARG A 161 -15.66 4.48 -1.46
C ARG A 161 -14.82 5.74 -1.28
N ALA A 162 -15.40 6.89 -1.57
CA ALA A 162 -14.77 8.16 -1.26
C ALA A 162 -15.88 9.17 -1.08
N ALA A 163 -15.53 10.37 -0.65
CA ALA A 163 -16.54 11.44 -0.50
C ALA A 163 -15.98 12.71 -1.12
N ARG A 164 -16.86 13.51 -1.72
CA ARG A 164 -16.46 14.79 -2.29
C ARG A 164 -17.29 15.89 -1.68
N PHE A 165 -16.63 16.85 -1.04
CA PHE A 165 -17.31 17.97 -0.40
C PHE A 165 -17.35 19.15 -1.35
N GLU A 166 -18.41 19.94 -1.29
CA GLU A 166 -18.45 21.18 -2.07
C GLU A 166 -19.24 22.24 -1.31
N ASN A 167 -18.67 23.42 -1.20
CA ASN A 167 -19.34 24.54 -0.55
C ASN A 167 -20.19 25.27 -1.58
N LYS A 168 -21.50 25.09 -1.50
CA LYS A 168 -22.43 25.74 -2.41
C LYS A 168 -23.15 26.88 -1.71
N GLY A 169 -22.58 27.31 -0.59
CA GLY A 169 -23.15 28.42 0.16
C GLY A 169 -22.33 29.69 -0.01
N GLY A 170 -22.61 30.69 0.84
CA GLY A 170 -21.92 31.96 0.74
C GLY A 170 -20.99 32.25 1.89
N GLU A 171 -20.80 31.27 2.77
CA GLU A 171 -19.88 31.44 3.90
C GLU A 171 -18.71 30.48 3.81
N ARG A 172 -17.68 30.72 4.62
CA ARG A 172 -16.56 29.79 4.75
C ARG A 172 -17.00 28.55 5.52
N LEU A 173 -16.51 27.39 5.09
CA LEU A 173 -16.71 26.15 5.81
C LEU A 173 -15.35 25.52 6.06
N LYS A 174 -15.06 25.17 7.32
CA LYS A 174 -13.77 24.58 7.62
C LYS A 174 -13.96 23.10 7.89
N LEU A 175 -13.36 22.23 7.08
CA LEU A 175 -13.47 20.79 7.34
C LEU A 175 -12.46 20.47 8.42
N LEU A 176 -12.94 19.94 9.54
CA LEU A 176 -12.06 19.53 10.63
C LEU A 176 -11.71 18.04 10.49
N ARG A 177 -12.54 17.33 9.74
CA ARG A 177 -12.39 15.88 9.60
C ARG A 177 -13.10 15.51 8.32
N ALA A 178 -12.45 14.72 7.47
CA ALA A 178 -13.06 14.34 6.20
C ALA A 178 -12.62 12.93 5.86
N LEU A 179 -13.17 11.94 6.55
CA LEU A 179 -12.77 10.55 6.29
C LEU A 179 -13.38 10.08 4.98
N SER A 180 -12.79 9.02 4.42
CA SER A 180 -13.18 8.54 3.11
C SER A 180 -14.44 7.67 3.17
N MET A 181 -14.66 7.01 4.30
CA MET A 181 -15.84 6.15 4.48
C MET A 181 -16.08 5.85 5.92
N SER A 182 -17.23 5.26 6.19
CA SER A 182 -17.63 4.84 7.51
C SER A 182 -18.72 3.82 7.31
N VAL A 183 -18.68 2.73 8.07
CA VAL A 183 -19.72 1.71 7.92
C VAL A 183 -20.06 1.14 9.29
N ASP A 184 -21.35 1.05 9.57
CA ASP A 184 -21.81 0.51 10.85
C ASP A 184 -22.22 -0.95 10.71
N PHE A 185 -21.39 -1.85 11.25
CA PHE A 185 -21.74 -3.28 11.27
C PHE A 185 -22.74 -3.52 12.38
N PRO A 186 -23.64 -4.51 12.19
CA PRO A 186 -24.69 -4.71 13.20
C PRO A 186 -24.24 -5.43 14.48
N THR A 187 -23.06 -6.06 14.45
CA THR A 187 -22.50 -6.68 15.65
C THR A 187 -21.03 -6.33 15.68
N ALA A 188 -20.35 -6.70 16.76
CA ALA A 188 -18.91 -6.48 16.90
C ALA A 188 -18.22 -7.79 17.22
N ASP A 189 -18.81 -8.88 16.75
CA ASP A 189 -18.30 -10.22 17.01
C ASP A 189 -17.23 -10.55 16.00
N TYR A 190 -16.14 -9.78 16.03
CA TYR A 190 -15.05 -9.94 15.09
C TYR A 190 -13.75 -9.72 15.80
N ASP A 191 -12.67 -10.23 15.24
CA ASP A 191 -11.35 -9.73 15.61
C ASP A 191 -11.04 -8.64 14.61
N TRP A 192 -10.10 -7.76 14.93
CA TRP A 192 -9.52 -6.92 13.88
C TRP A 192 -8.08 -7.29 13.61
N ILE A 193 -7.65 -7.03 12.39
CA ILE A 193 -6.25 -7.18 12.02
C ILE A 193 -5.74 -5.82 11.55
N HIS A 194 -4.52 -5.49 11.94
CA HIS A 194 -3.86 -4.33 11.34
C HIS A 194 -2.39 -4.68 11.20
N LEU A 195 -1.60 -3.74 10.69
CA LEU A 195 -0.24 -4.05 10.27
C LEU A 195 0.76 -3.10 10.88
N PRO A 196 0.99 -3.24 12.19
CA PRO A 196 1.96 -2.36 12.84
C PRO A 196 3.38 -2.82 12.51
N GLY A 197 4.35 -1.93 12.69
CA GLY A 197 5.74 -2.31 12.51
C GLY A 197 6.67 -1.18 12.93
N ALA A 198 7.87 -1.20 12.38
CA ALA A 198 8.86 -0.15 12.60
C ALA A 198 9.80 -0.24 11.43
N TRP A 199 10.75 0.68 11.34
CA TRP A 199 11.79 0.53 10.32
C TRP A 199 12.48 -0.82 10.54
N GLY A 200 12.71 -1.56 9.46
CA GLY A 200 13.42 -2.83 9.57
C GLY A 200 12.55 -4.00 10.01
N ARG A 201 11.25 -3.72 10.17
CA ARG A 201 10.30 -4.74 10.59
C ARG A 201 8.88 -4.29 10.31
N GLU A 202 8.63 -3.91 9.06
CA GLU A 202 7.31 -3.45 8.63
C GLU A 202 6.24 -4.54 8.58
N ARG A 203 5.00 -4.11 8.84
CA ARG A 203 3.81 -4.88 8.52
C ARG A 203 3.74 -6.26 9.14
N TRP A 204 4.00 -6.33 10.44
CA TRP A 204 3.70 -7.53 11.19
C TRP A 204 2.18 -7.64 11.30
N ILE A 205 1.66 -8.85 11.17
CA ILE A 205 0.23 -9.04 11.34
C ILE A 205 -0.11 -9.06 12.83
N GLU A 206 -1.04 -8.20 13.23
CA GLU A 206 -1.53 -8.20 14.61
C GLU A 206 -3.02 -8.40 14.62
N ARG A 207 -3.45 -9.49 15.26
CA ARG A 207 -4.87 -9.82 15.34
C ARG A 207 -5.30 -9.71 16.80
N ARG A 208 -6.37 -8.97 17.04
CA ARG A 208 -6.81 -8.69 18.41
C ARG A 208 -8.32 -8.72 18.46
N PRO A 209 -8.88 -9.08 19.62
CA PRO A 209 -10.33 -8.96 19.78
C PRO A 209 -10.69 -7.49 19.80
N LEU A 210 -11.94 -7.16 19.48
CA LEU A 210 -12.37 -5.78 19.59
C LEU A 210 -12.65 -5.43 21.03
N VAL A 211 -12.49 -4.15 21.38
CA VAL A 211 -12.87 -3.64 22.68
C VAL A 211 -14.13 -2.80 22.52
N THR A 212 -14.87 -2.63 23.60
CA THR A 212 -16.01 -1.70 23.57
C THR A 212 -15.46 -0.31 23.85
N GLY A 213 -15.28 0.45 22.77
CA GLY A 213 -14.52 1.69 22.81
C GLY A 213 -13.89 1.84 21.45
N VAL A 214 -12.80 2.58 21.34
CA VAL A 214 -12.16 2.75 20.05
C VAL A 214 -10.81 2.04 20.03
N GLN A 215 -10.46 1.49 18.87
CA GLN A 215 -9.13 0.96 18.61
C GLN A 215 -8.78 1.48 17.23
N ALA A 216 -7.53 1.87 17.02
CA ALA A 216 -7.18 2.46 15.73
C ALA A 216 -5.71 2.31 15.45
N ALA A 217 -5.40 2.31 14.16
CA ALA A 217 -4.04 2.48 13.69
C ALA A 217 -4.00 3.82 12.98
N GLU A 218 -2.90 4.54 13.10
CA GLU A 218 -2.82 5.82 12.40
C GLU A 218 -1.39 6.19 12.09
N SER A 219 -1.23 7.21 11.24
CA SER A 219 0.07 7.83 11.02
C SER A 219 -0.07 9.32 11.15
N ARG A 220 0.90 9.93 11.81
CA ARG A 220 1.01 11.37 11.95
C ARG A 220 2.33 11.82 11.35
N ARG A 221 2.91 10.98 10.52
CA ARG A 221 4.27 11.21 10.03
C ARG A 221 4.33 11.92 8.68
N GLY A 222 3.18 12.24 8.10
CA GLY A 222 3.13 12.85 6.77
C GLY A 222 3.35 11.82 5.67
N ALA A 223 3.54 10.57 6.09
CA ALA A 223 3.77 9.44 5.20
C ALA A 223 3.00 8.30 5.81
N SER A 224 2.56 7.35 5.00
CA SER A 224 1.73 6.27 5.52
C SER A 224 2.44 5.50 6.63
N SER A 225 3.76 5.33 6.51
CA SER A 225 4.68 4.96 7.61
C SER A 225 5.09 3.48 7.73
N HIS A 226 6.23 3.26 8.39
CA HIS A 226 6.65 1.91 8.75
C HIS A 226 5.86 1.44 9.96
N GLN A 227 5.39 2.40 10.73
CA GLN A 227 4.84 2.13 12.06
C GLN A 227 3.43 1.55 12.03
N GLN A 228 2.64 1.97 11.04
CA GLN A 228 1.29 1.42 10.81
C GLN A 228 1.04 1.49 9.32
N ASN A 229 0.69 0.36 8.71
CA ASN A 229 0.27 0.40 7.31
C ASN A 229 -1.20 0.80 7.26
N PRO A 230 -1.60 1.54 6.21
CA PRO A 230 -3.01 1.95 6.10
C PRO A 230 -3.88 0.80 5.61
N PHE A 231 -4.04 -0.20 6.47
CA PHE A 231 -4.89 -1.32 6.20
C PHE A 231 -5.40 -1.86 7.52
N ILE A 232 -6.70 -2.09 7.60
CA ILE A 232 -7.26 -2.84 8.72
C ILE A 232 -8.30 -3.80 8.18
N ALA A 233 -8.60 -4.85 8.95
CA ALA A 233 -9.62 -5.79 8.53
C ALA A 233 -10.44 -6.20 9.73
N LEU A 234 -11.71 -6.54 9.51
CA LEU A 234 -12.50 -7.22 10.51
C LEU A 234 -12.61 -8.67 10.04
N VAL A 235 -12.39 -9.62 10.95
CA VAL A 235 -12.45 -11.02 10.57
C VAL A 235 -13.29 -11.79 11.58
N ALA A 236 -14.04 -12.77 11.09
CA ALA A 236 -14.85 -13.62 11.95
C ALA A 236 -13.96 -14.29 12.97
N LYS A 237 -14.50 -14.58 14.14
CA LYS A 237 -13.70 -15.12 15.23
C LYS A 237 -12.90 -16.38 14.85
N ASN A 238 -13.50 -17.21 14.00
CA ASN A 238 -12.93 -18.49 13.58
C ASN A 238 -12.29 -18.46 12.21
N ALA A 239 -12.30 -17.28 11.57
CA ALA A 239 -11.72 -17.16 10.23
C ALA A 239 -10.20 -17.35 10.26
N ASP A 240 -9.64 -17.90 9.20
CA ASP A 240 -8.21 -18.10 9.11
C ASP A 240 -7.74 -17.81 7.69
N GLU A 241 -6.61 -18.37 7.28
CA GLU A 241 -6.13 -18.13 5.92
C GLU A 241 -7.04 -18.71 4.84
N HIS A 242 -7.80 -19.75 5.17
CA HIS A 242 -8.45 -20.54 4.12
C HIS A 242 -9.96 -20.48 4.10
N GLN A 243 -10.57 -20.05 5.20
CA GLN A 243 -12.02 -20.03 5.27
C GLN A 243 -12.47 -18.93 6.21
N GLY A 244 -13.70 -18.47 6.02
CA GLY A 244 -14.28 -17.56 6.98
C GLY A 244 -14.44 -16.15 6.48
N GLU A 245 -15.29 -15.38 7.14
CA GLU A 245 -15.58 -14.04 6.67
C GLU A 245 -14.50 -13.04 7.04
N VAL A 246 -14.11 -12.25 6.05
CA VAL A 246 -13.09 -11.23 6.22
C VAL A 246 -13.54 -9.98 5.47
N TYR A 247 -13.40 -8.82 6.10
CA TYR A 247 -13.69 -7.54 5.49
C TYR A 247 -12.44 -6.69 5.56
N GLY A 248 -11.85 -6.38 4.41
CA GLY A 248 -10.62 -5.58 4.38
C GLY A 248 -10.90 -4.13 4.01
N PHE A 249 -10.12 -3.23 4.58
CA PHE A 249 -10.22 -1.80 4.32
C PHE A 249 -8.83 -1.25 4.03
N SER A 250 -8.61 -0.85 2.78
CA SER A 250 -7.29 -0.44 2.32
C SER A 250 -7.37 1.00 1.79
N PHE A 251 -6.55 1.89 2.33
CA PHE A 251 -6.64 3.31 2.02
C PHE A 251 -5.67 3.64 0.91
N VAL A 252 -6.18 4.17 -0.21
CA VAL A 252 -5.33 4.47 -1.36
C VAL A 252 -4.75 5.86 -1.18
N TYR A 253 -3.79 5.96 -0.27
CA TYR A 253 -3.25 7.27 0.08
C TYR A 253 -1.93 7.07 0.79
N SER A 254 -1.01 8.01 0.61
CA SER A 254 0.35 7.80 1.09
C SER A 254 0.78 8.75 2.20
N GLY A 255 -0.15 9.54 2.70
CA GLY A 255 0.16 10.48 3.77
C GLY A 255 -0.42 10.05 5.09
N ASN A 256 -0.79 11.03 5.90
CA ASN A 256 -1.39 10.75 7.21
C ASN A 256 -2.73 10.02 7.06
N PHE A 257 -2.97 9.04 7.93
CA PHE A 257 -4.24 8.32 7.90
C PHE A 257 -4.72 7.98 9.28
N LEU A 258 -6.02 7.73 9.37
CA LEU A 258 -6.63 7.13 10.55
C LEU A 258 -7.42 5.94 10.06
N ALA A 259 -7.27 4.81 10.75
CA ALA A 259 -8.07 3.62 10.44
C ALA A 259 -8.61 3.11 11.75
N GLN A 260 -9.92 3.17 11.93
CA GLN A 260 -10.48 3.05 13.25
C GLN A 260 -11.66 2.12 13.31
N VAL A 261 -11.80 1.39 14.41
CA VAL A 261 -13.04 0.68 14.71
C VAL A 261 -13.53 1.19 16.04
N GLU A 262 -14.74 1.74 16.06
CA GLU A 262 -15.34 2.13 17.34
C GLU A 262 -16.55 1.26 17.61
N VAL A 263 -16.56 0.58 18.74
CA VAL A 263 -17.70 -0.26 19.11
C VAL A 263 -18.51 0.48 20.16
N ASP A 264 -19.82 0.62 19.95
CA ASP A 264 -20.64 1.41 20.84
C ASP A 264 -21.34 0.55 21.89
N GLN A 265 -22.20 1.16 22.68
CA GLN A 265 -22.85 0.51 23.80
C GLN A 265 -23.75 -0.63 23.35
N PHE A 266 -24.17 -0.60 22.09
CA PHE A 266 -25.03 -1.67 21.58
C PHE A 266 -24.25 -2.67 20.73
N HIS A 267 -22.93 -2.67 20.92
CA HIS A 267 -22.03 -3.63 20.28
C HIS A 267 -22.17 -3.68 18.78
N THR A 268 -22.32 -2.50 18.19
CA THR A 268 -22.23 -2.35 16.75
C THR A 268 -20.86 -1.80 16.50
N ALA A 269 -20.26 -2.17 15.37
CA ALA A 269 -18.88 -1.77 15.09
C ALA A 269 -18.84 -0.76 13.95
N ARG A 270 -18.40 0.46 14.25
CA ARG A 270 -18.26 1.48 13.21
C ARG A 270 -16.83 1.50 12.72
N VAL A 271 -16.63 1.13 11.46
CA VAL A 271 -15.29 1.14 10.88
C VAL A 271 -15.16 2.37 10.01
N SER A 272 -14.11 3.15 10.24
CA SER A 272 -13.91 4.34 9.43
C SER A 272 -12.45 4.54 9.08
N MET A 273 -12.20 5.24 7.98
CA MET A 273 -10.83 5.34 7.47
C MET A 273 -10.73 6.55 6.57
N GLY A 274 -9.62 7.26 6.65
CA GLY A 274 -9.39 8.41 5.78
C GLY A 274 -8.18 9.19 6.24
N ILE A 275 -8.02 10.37 5.68
CA ILE A 275 -6.93 11.26 6.09
C ILE A 275 -7.04 11.50 7.59
N ASN A 276 -5.92 11.38 8.29
CA ASN A 276 -5.96 11.58 9.73
C ASN A 276 -6.48 12.98 10.06
N PRO A 277 -7.56 13.07 10.86
CA PRO A 277 -8.08 14.38 11.23
C PRO A 277 -7.11 15.12 12.15
N PHE A 278 -6.21 14.38 12.79
CA PHE A 278 -5.26 15.01 13.69
C PHE A 278 -4.36 16.00 12.95
N ASP A 279 -4.31 17.24 13.44
CA ASP A 279 -3.48 18.30 12.87
C ASP A 279 -3.90 18.67 11.45
N PHE A 280 -5.13 18.32 11.07
CA PHE A 280 -5.65 18.56 9.72
C PHE A 280 -6.87 19.47 9.76
N THR A 281 -6.94 20.44 8.85
CA THR A 281 -8.19 21.11 8.53
C THR A 281 -8.17 21.39 7.05
N TRP A 282 -9.33 21.67 6.46
CA TRP A 282 -9.37 22.10 5.08
C TRP A 282 -10.42 23.18 4.91
N LEU A 283 -9.99 24.34 4.44
CA LEU A 283 -10.88 25.48 4.28
C LEU A 283 -11.51 25.46 2.91
N LEU A 284 -12.85 25.46 2.88
CA LEU A 284 -13.58 25.59 1.64
C LEU A 284 -14.24 26.96 1.56
N GLN A 285 -13.69 27.83 0.72
CA GLN A 285 -14.34 29.09 0.39
C GLN A 285 -15.57 28.76 -0.45
N PRO A 286 -16.51 29.71 -0.57
CA PRO A 286 -17.65 29.45 -1.45
C PRO A 286 -17.19 28.99 -2.83
N GLY A 287 -17.83 27.96 -3.36
CA GLY A 287 -17.51 27.43 -4.67
C GLY A 287 -16.37 26.41 -4.69
N GLU A 288 -15.72 26.18 -3.55
CA GLU A 288 -14.59 25.25 -3.51
C GLU A 288 -15.01 23.84 -3.11
N SER A 289 -14.20 22.86 -3.50
CA SER A 289 -14.53 21.47 -3.22
C SER A 289 -13.35 20.73 -2.60
N PHE A 290 -13.62 19.60 -1.97
CA PHE A 290 -12.56 18.75 -1.45
C PHE A 290 -12.89 17.28 -1.73
N GLN A 291 -11.98 16.61 -2.42
CA GLN A 291 -12.13 15.18 -2.75
C GLN A 291 -11.27 14.34 -1.80
N THR A 292 -11.88 13.39 -1.08
CA THR A 292 -11.09 12.48 -0.24
C THR A 292 -10.46 11.42 -1.12
N PRO A 293 -9.33 10.86 -0.68
CA PRO A 293 -8.84 9.64 -1.34
C PRO A 293 -9.85 8.51 -1.13
N GLU A 294 -9.68 7.41 -1.85
CA GLU A 294 -10.64 6.32 -1.74
C GLU A 294 -10.16 5.22 -0.79
N VAL A 295 -11.11 4.44 -0.32
CA VAL A 295 -10.84 3.23 0.47
C VAL A 295 -11.37 2.06 -0.31
N VAL A 296 -10.56 1.01 -0.42
CA VAL A 296 -10.92 -0.15 -1.21
C VAL A 296 -11.35 -1.25 -0.25
N MET A 297 -12.63 -1.62 -0.33
CA MET A 297 -13.24 -2.53 0.64
C MET A 297 -13.47 -3.89 0.03
N VAL A 298 -12.89 -4.92 0.65
CA VAL A 298 -12.94 -6.26 0.07
C VAL A 298 -13.60 -7.23 1.03
N TYR A 299 -14.51 -8.04 0.51
CA TYR A 299 -15.14 -9.09 1.31
C TYR A 299 -14.74 -10.45 0.78
N SER A 300 -14.51 -11.37 1.70
CA SER A 300 -14.32 -12.76 1.32
C SER A 300 -14.92 -13.65 2.37
N ASP A 301 -15.45 -14.80 1.96
CA ASP A 301 -15.79 -15.82 2.93
C ASP A 301 -14.82 -17.01 2.80
N GLN A 302 -13.73 -16.76 2.08
CA GLN A 302 -12.69 -17.77 1.89
C GLN A 302 -11.43 -17.39 2.65
N GLY A 303 -11.60 -16.75 3.80
CA GLY A 303 -10.47 -16.46 4.65
C GLY A 303 -9.56 -15.38 4.11
N LEU A 304 -8.42 -15.22 4.77
CA LEU A 304 -7.49 -14.14 4.45
C LEU A 304 -6.88 -14.32 3.07
N ASN A 305 -6.62 -15.55 2.65
CA ASN A 305 -6.11 -15.77 1.30
C ASN A 305 -7.11 -15.29 0.24
N GLY A 306 -8.40 -15.49 0.48
CA GLY A 306 -9.39 -15.04 -0.48
C GLY A 306 -9.36 -13.53 -0.62
N MET A 307 -9.27 -12.84 0.51
CA MET A 307 -9.22 -11.39 0.52
C MET A 307 -7.94 -10.91 -0.15
N SER A 308 -6.82 -11.49 0.23
CA SER A 308 -5.53 -11.03 -0.32
C SER A 308 -5.49 -11.21 -1.82
N GLN A 309 -6.00 -12.34 -2.30
CA GLN A 309 -5.96 -12.65 -3.73
C GLN A 309 -6.78 -11.64 -4.53
N THR A 310 -7.85 -11.15 -3.93
CA THR A 310 -8.63 -10.08 -4.55
C THR A 310 -7.79 -8.80 -4.65
N TYR A 311 -7.19 -8.38 -3.54
CA TYR A 311 -6.37 -7.17 -3.55
C TYR A 311 -5.23 -7.33 -4.54
N HIS A 312 -4.62 -8.50 -4.58
CA HIS A 312 -3.46 -8.68 -5.45
C HIS A 312 -3.82 -8.47 -6.90
N GLU A 313 -4.94 -9.06 -7.33
CA GLU A 313 -5.34 -8.94 -8.73
C GLU A 313 -5.81 -7.53 -9.04
N LEU A 314 -6.64 -6.98 -8.15
CA LEU A 314 -7.10 -5.60 -8.33
C LEU A 314 -5.95 -4.61 -8.40
N TYR A 315 -5.01 -4.71 -7.45
CA TYR A 315 -3.94 -3.73 -7.35
C TYR A 315 -2.90 -3.93 -8.45
N ARG A 316 -2.65 -5.18 -8.83
CA ARG A 316 -1.63 -5.41 -9.84
C ARG A 316 -2.11 -4.94 -11.20
N THR A 317 -3.39 -5.14 -11.48
CA THR A 317 -3.91 -4.92 -12.84
C THR A 317 -4.80 -3.70 -12.99
N ARG A 318 -5.30 -3.16 -11.88
CA ARG A 318 -6.22 -2.02 -11.97
C ARG A 318 -5.92 -0.95 -10.93
N LEU A 319 -4.65 -0.84 -10.54
CA LEU A 319 -4.20 0.26 -9.69
C LEU A 319 -2.81 0.68 -10.16
N ALA A 320 -1.87 -0.26 -10.13
CA ALA A 320 -0.59 -0.07 -10.80
C ALA A 320 -0.86 0.24 -12.28
N ARG A 321 0.05 0.99 -12.88
CA ARG A 321 -0.14 1.46 -14.25
C ARG A 321 1.18 1.40 -15.01
N GLY A 322 1.16 1.88 -16.25
CA GLY A 322 2.38 2.07 -17.01
C GLY A 322 2.82 0.84 -17.77
N ALA A 323 3.94 0.97 -18.47
CA ALA A 323 4.37 -0.04 -19.43
C ALA A 323 4.72 -1.37 -18.77
N PHE A 324 5.03 -1.34 -17.48
CA PHE A 324 5.52 -2.53 -16.80
C PHE A 324 4.47 -3.21 -15.93
N ARG A 325 3.24 -2.71 -15.97
CA ARG A 325 2.16 -3.22 -15.13
C ARG A 325 2.04 -4.74 -15.17
N ASP A 326 2.04 -5.29 -16.38
CA ASP A 326 1.85 -6.72 -16.59
C ASP A 326 3.13 -7.43 -17.03
N ARG A 327 4.27 -6.79 -16.81
CA ARG A 327 5.55 -7.29 -17.29
C ARG A 327 6.40 -7.86 -16.18
N GLU A 328 7.07 -8.97 -16.48
CA GLU A 328 8.04 -9.55 -15.56
C GLU A 328 9.07 -8.48 -15.21
N ARG A 329 9.43 -8.40 -13.93
CA ARG A 329 10.31 -7.34 -13.46
C ARG A 329 11.75 -7.81 -13.38
N PRO A 330 12.70 -6.93 -13.72
CA PRO A 330 14.08 -7.35 -13.88
C PRO A 330 14.75 -7.79 -12.58
N ILE A 331 15.61 -8.80 -12.69
CA ILE A 331 16.46 -9.18 -11.57
C ILE A 331 17.54 -8.13 -11.52
N LEU A 332 17.58 -7.38 -10.42
CA LEU A 332 18.49 -6.26 -10.32
C LEU A 332 19.56 -6.51 -9.29
N ILE A 333 20.64 -5.72 -9.37
CA ILE A 333 21.60 -5.70 -8.30
C ILE A 333 21.92 -4.26 -7.96
N ASN A 334 21.84 -3.94 -6.67
CA ASN A 334 22.18 -2.61 -6.21
C ASN A 334 23.65 -2.55 -5.85
N ASN A 335 24.37 -1.59 -6.43
CA ASN A 335 25.81 -1.51 -6.24
C ASN A 335 26.25 -0.50 -5.17
N TRP A 336 25.54 -0.50 -4.04
CA TRP A 336 25.88 0.36 -2.91
C TRP A 336 27.03 -0.21 -2.11
N GLU A 337 26.74 -1.29 -1.39
CA GLU A 337 27.67 -1.91 -0.44
C GLU A 337 28.97 -2.38 -1.09
N ALA A 338 28.99 -2.32 -2.41
CA ALA A 338 30.23 -2.46 -3.15
C ALA A 338 31.16 -1.29 -2.84
N THR A 339 30.58 -0.12 -2.55
CA THR A 339 31.37 1.09 -2.37
C THR A 339 30.91 2.08 -1.29
N TYR A 340 29.75 1.84 -0.68
CA TYR A 340 29.08 2.87 0.13
C TYR A 340 29.10 4.04 -0.85
N PHE A 341 29.75 5.15 -0.49
CA PHE A 341 29.93 6.27 -1.41
C PHE A 341 31.15 6.25 -2.33
N ASP A 342 32.18 5.56 -1.87
CA ASP A 342 33.49 5.41 -2.54
C ASP A 342 33.44 4.96 -4.01
N PHE A 343 33.11 5.86 -4.95
CA PHE A 343 33.09 5.39 -6.35
C PHE A 343 33.64 6.27 -7.46
N ASN A 344 34.08 5.60 -8.52
CA ASN A 344 34.34 6.22 -9.82
C ASN A 344 34.26 5.18 -10.96
N GLU A 345 34.16 5.70 -12.17
CA GLU A 345 33.75 4.97 -13.36
C GLU A 345 34.49 3.67 -13.73
N GLU A 346 35.76 3.55 -13.34
CA GLU A 346 36.56 2.40 -13.78
C GLU A 346 36.06 1.06 -13.23
N LYS A 347 35.72 1.05 -11.95
CA LYS A 347 35.25 -0.15 -11.28
C LYS A 347 33.97 -0.63 -11.95
N LEU A 348 32.94 0.23 -11.83
CA LEU A 348 31.57 -0.04 -12.24
C LEU A 348 31.38 -0.93 -13.47
N VAL A 349 32.20 -0.71 -14.51
CA VAL A 349 32.04 -1.45 -15.77
C VAL A 349 32.44 -2.93 -15.71
N ASN A 350 33.60 -3.23 -15.13
CA ASN A 350 34.02 -4.62 -14.94
C ASN A 350 33.05 -5.36 -14.02
N ILE A 351 32.66 -4.69 -12.95
CA ILE A 351 31.60 -5.15 -12.05
C ILE A 351 30.38 -5.55 -12.86
N ALA A 352 29.99 -4.69 -13.79
CA ALA A 352 28.84 -4.94 -14.65
C ALA A 352 29.04 -6.18 -15.53
N LYS A 353 30.27 -6.45 -15.94
CA LYS A 353 30.54 -7.66 -16.74
C LYS A 353 30.39 -8.90 -15.87
N THR A 354 30.89 -8.84 -14.64
CA THR A 354 30.77 -9.97 -13.73
C THR A 354 29.29 -10.25 -13.47
N GLU A 355 28.55 -9.19 -13.15
CA GLU A 355 27.12 -9.30 -12.88
C GLU A 355 26.36 -9.80 -14.10
N ALA A 356 26.72 -9.31 -15.28
CA ALA A 356 26.08 -9.75 -16.52
C ALA A 356 26.35 -11.23 -16.77
N GLU A 357 27.56 -11.68 -16.48
CA GLU A 357 27.94 -13.07 -16.66
C GLU A 357 27.09 -14.00 -15.79
N LEU A 358 26.64 -13.49 -14.65
CA LEU A 358 25.81 -14.27 -13.73
C LEU A 358 24.35 -14.29 -14.18
N GLY A 359 24.01 -13.43 -15.14
CA GLY A 359 22.66 -13.40 -15.69
C GLY A 359 21.79 -12.30 -15.12
N ILE A 360 22.35 -11.50 -14.23
CA ILE A 360 21.61 -10.39 -13.63
C ILE A 360 21.22 -9.42 -14.74
N GLU A 361 20.02 -8.83 -14.64
CA GLU A 361 19.45 -8.09 -15.77
C GLU A 361 19.54 -6.57 -15.67
N LEU A 362 19.67 -6.05 -14.45
CA LEU A 362 19.62 -4.61 -14.22
C LEU A 362 20.68 -4.18 -13.22
N PHE A 363 21.48 -3.19 -13.64
CA PHE A 363 22.56 -2.63 -12.86
C PHE A 363 22.04 -1.32 -12.27
N VAL A 364 22.07 -1.19 -10.95
CA VAL A 364 21.57 0.03 -10.30
C VAL A 364 22.66 0.83 -9.59
N LEU A 365 22.73 2.13 -9.89
CA LEU A 365 23.69 3.04 -9.27
C LEU A 365 23.08 3.78 -8.08
N ASP A 366 23.63 3.58 -6.89
CA ASP A 366 23.02 4.15 -5.68
C ASP A 366 23.48 5.59 -5.36
N ASP A 367 23.19 6.01 -4.13
CA ASP A 367 23.43 7.36 -3.63
C ASP A 367 24.84 7.89 -3.90
N GLY A 368 24.97 9.22 -3.87
CA GLY A 368 26.27 9.85 -3.98
C GLY A 368 26.85 9.94 -5.38
N TRP A 369 25.98 10.04 -6.39
CA TRP A 369 26.43 10.25 -7.76
C TRP A 369 26.36 11.74 -8.09
N PHE A 370 25.76 12.49 -7.18
CA PHE A 370 25.38 13.87 -7.42
C PHE A 370 26.08 14.86 -6.49
N GLY A 371 26.35 16.05 -6.99
CA GLY A 371 26.86 17.16 -6.20
C GLY A 371 28.02 16.86 -5.25
N LYS A 372 27.84 17.24 -3.99
CA LYS A 372 28.87 17.03 -2.97
C LYS A 372 28.37 15.97 -1.99
N ARG A 373 27.46 15.13 -2.47
CA ARG A 373 26.88 14.06 -1.66
C ARG A 373 27.71 12.84 -1.28
N ASP A 374 28.33 12.89 -0.10
CA ASP A 374 29.25 11.81 0.23
C ASP A 374 29.16 11.19 1.62
N ASP A 375 28.16 11.60 2.40
CA ASP A 375 27.64 10.83 3.52
C ASP A 375 26.16 11.18 3.60
N ASP A 376 25.46 10.74 4.63
CA ASP A 376 24.04 11.07 4.74
C ASP A 376 23.85 12.51 5.23
N ARG A 377 24.63 13.43 4.64
CA ARG A 377 24.74 14.78 5.18
C ARG A 377 24.59 15.91 4.17
N ARG A 378 24.90 15.65 2.90
CA ARG A 378 25.13 16.75 1.96
C ARG A 378 24.38 16.75 0.63
N SER A 379 24.34 17.93 0.02
CA SER A 379 23.96 18.14 -1.39
C SER A 379 22.61 17.65 -1.88
N LEU A 380 21.80 17.08 -1.00
CA LEU A 380 20.43 16.72 -1.36
C LEU A 380 19.73 17.96 -1.88
N GLY A 381 19.06 17.83 -3.03
CA GLY A 381 18.40 18.96 -3.67
C GLY A 381 19.16 19.46 -4.88
N ASP A 382 20.47 19.28 -4.86
CA ASP A 382 21.31 19.64 -5.99
C ASP A 382 21.49 18.42 -6.89
N TRP A 383 20.58 18.25 -7.84
CA TRP A 383 20.56 17.04 -8.62
C TRP A 383 21.31 17.16 -9.94
N ILE A 384 22.55 17.65 -9.88
CA ILE A 384 23.40 17.57 -11.05
C ILE A 384 24.54 16.59 -10.82
N VAL A 385 24.81 15.79 -11.85
CA VAL A 385 25.83 14.75 -11.81
C VAL A 385 27.19 15.32 -11.38
N ASN A 386 27.72 14.82 -10.27
CA ASN A 386 29.05 15.23 -9.82
C ASN A 386 30.11 14.75 -10.82
N ARG A 387 30.39 15.58 -11.81
CA ARG A 387 31.27 15.20 -12.92
C ARG A 387 32.76 15.13 -12.59
N ARG A 388 33.09 14.96 -11.30
CA ARG A 388 34.39 14.45 -10.91
C ARG A 388 34.27 12.95 -10.99
N LYS A 389 33.41 12.44 -10.12
CA LYS A 389 33.16 11.01 -9.93
C LYS A 389 32.77 10.31 -11.22
N LEU A 390 31.95 10.97 -12.02
CA LEU A 390 31.59 10.47 -13.34
C LEU A 390 31.85 11.57 -14.37
N PRO A 391 33.09 11.67 -14.85
CA PRO A 391 33.48 12.72 -15.79
C PRO A 391 32.74 12.58 -17.12
N ASN A 392 32.50 11.34 -17.52
CA ASN A 392 31.76 11.08 -18.75
C ASN A 392 30.25 11.06 -18.50
N GLY A 393 29.85 11.59 -17.35
CA GLY A 393 28.45 11.68 -16.98
C GLY A 393 27.79 10.32 -16.84
N LEU A 394 26.46 10.33 -16.73
CA LEU A 394 25.72 9.09 -16.62
C LEU A 394 25.66 8.34 -17.94
N ASP A 395 25.75 9.09 -19.04
CA ASP A 395 25.60 8.53 -20.38
C ASP A 395 26.65 7.47 -20.71
N GLY A 396 27.91 7.80 -20.49
CA GLY A 396 29.00 6.90 -20.82
C GLY A 396 28.96 5.61 -20.01
N LEU A 397 28.71 5.77 -18.71
CA LEU A 397 28.55 4.63 -17.81
C LEU A 397 27.37 3.76 -18.25
N ALA A 398 26.22 4.40 -18.43
CA ALA A 398 25.00 3.70 -18.81
C ALA A 398 25.16 2.93 -20.12
N LYS A 399 25.70 3.59 -21.14
CA LYS A 399 25.79 2.98 -22.46
C LYS A 399 26.71 1.75 -22.45
N GLN A 400 27.78 1.81 -21.67
CA GLN A 400 28.65 0.66 -21.50
C GLN A 400 27.92 -0.48 -20.78
N VAL A 401 27.19 -0.14 -19.73
CA VAL A 401 26.41 -1.14 -19.00
C VAL A 401 25.43 -1.81 -19.96
N ASN A 402 24.79 -1.01 -20.80
CA ASN A 402 23.90 -1.55 -21.83
C ASN A 402 24.60 -2.48 -22.83
N GLU A 403 25.78 -2.08 -23.31
CA GLU A 403 26.50 -2.94 -24.26
C GLU A 403 26.95 -4.25 -23.59
N LEU A 404 26.97 -4.28 -22.26
CA LEU A 404 27.25 -5.50 -21.51
C LEU A 404 26.02 -6.41 -21.38
N GLY A 405 24.86 -5.90 -21.76
CA GLY A 405 23.64 -6.69 -21.74
C GLY A 405 22.72 -6.39 -20.56
N MET A 406 23.12 -5.45 -19.70
CA MET A 406 22.29 -5.08 -18.55
C MET A 406 21.59 -3.72 -18.72
N GLN A 407 20.40 -3.59 -18.15
CA GLN A 407 19.77 -2.29 -18.09
C GLN A 407 20.48 -1.47 -17.02
N PHE A 408 20.29 -0.15 -17.07
CA PHE A 408 20.94 0.75 -16.12
C PHE A 408 19.90 1.53 -15.33
N GLY A 409 20.04 1.54 -14.00
CA GLY A 409 19.11 2.25 -13.13
C GLY A 409 19.79 3.21 -12.16
N LEU A 410 18.99 4.05 -11.50
CA LEU A 410 19.52 5.13 -10.67
C LEU A 410 18.68 5.37 -9.42
N TRP A 411 19.33 5.84 -8.35
CA TRP A 411 18.65 6.23 -7.11
C TRP A 411 18.46 7.75 -7.09
N VAL A 412 17.28 8.20 -6.67
CA VAL A 412 17.04 9.63 -6.43
C VAL A 412 16.30 9.82 -5.11
N GLU A 413 16.41 11.00 -4.51
CA GLU A 413 15.64 11.31 -3.28
C GLU A 413 15.13 12.74 -3.33
N PRO A 414 14.14 12.99 -4.21
CA PRO A 414 13.80 14.36 -4.61
C PRO A 414 12.99 15.16 -3.58
N GLU A 415 12.55 14.55 -2.50
CA GLU A 415 11.72 15.29 -1.55
C GLU A 415 12.56 15.93 -0.46
N MET A 416 13.85 15.66 -0.49
CA MET A 416 14.74 16.13 0.57
C MET A 416 15.69 17.20 0.08
N VAL A 417 16.11 18.05 1.01
CA VAL A 417 17.10 19.08 0.72
C VAL A 417 18.04 19.16 1.92
N SER A 418 19.34 19.29 1.65
CA SER A 418 20.34 19.45 2.70
C SER A 418 20.49 20.91 3.04
N PRO A 419 20.58 21.23 4.35
CA PRO A 419 20.85 22.60 4.78
C PRO A 419 22.11 23.10 4.09
N ASN A 420 23.09 22.21 3.97
CA ASN A 420 24.26 22.50 3.17
C ASN A 420 24.06 22.05 1.71
N SER A 421 23.20 22.78 1.01
CA SER A 421 23.02 22.60 -0.43
C SER A 421 22.82 23.98 -1.03
N GLU A 422 23.01 24.09 -2.34
CA GLU A 422 22.82 25.37 -3.02
C GLU A 422 21.36 25.77 -3.06
N LEU A 423 20.49 24.77 -3.21
CA LEU A 423 19.06 25.02 -3.22
C LEU A 423 18.65 25.70 -1.93
N TYR A 424 19.14 25.17 -0.80
CA TYR A 424 18.75 25.70 0.50
C TYR A 424 19.27 27.12 0.69
N ARG A 425 20.45 27.40 0.13
CA ARG A 425 21.03 28.72 0.28
C ARG A 425 20.32 29.75 -0.59
N LYS A 426 19.80 29.31 -1.73
CA LYS A 426 19.05 30.19 -2.61
C LYS A 426 17.60 30.34 -2.14
N HIS A 427 17.01 29.24 -1.67
CA HIS A 427 15.59 29.24 -1.27
C HIS A 427 15.39 28.52 0.05
N PRO A 428 15.76 29.17 1.17
CA PRO A 428 15.58 28.46 2.44
C PRO A 428 14.11 28.30 2.79
N ASP A 429 13.27 29.18 2.24
CA ASP A 429 11.82 29.13 2.48
C ASP A 429 11.11 27.98 1.76
N TRP A 430 11.84 27.24 0.93
CA TRP A 430 11.26 26.13 0.17
C TRP A 430 11.15 24.82 0.96
N CYS A 431 11.57 24.81 2.22
CA CYS A 431 11.39 23.62 3.04
C CYS A 431 10.11 23.78 3.85
N LEU A 432 9.57 22.66 4.34
CA LEU A 432 8.48 22.72 5.29
C LEU A 432 9.04 23.33 6.57
N HIS A 433 8.34 24.31 7.11
CA HIS A 433 8.79 24.97 8.33
C HIS A 433 7.66 25.78 8.91
N VAL A 434 7.83 26.22 10.15
CA VAL A 434 6.88 27.14 10.74
C VAL A 434 7.66 28.36 11.17
N PRO A 435 7.00 29.52 11.22
CA PRO A 435 7.71 30.76 11.51
C PRO A 435 8.45 30.72 12.86
N ASN A 436 9.72 31.15 12.87
CA ASN A 436 10.47 31.33 14.10
C ASN A 436 10.84 30.09 14.91
N ARG A 437 10.66 28.91 14.33
CA ARG A 437 10.94 27.67 15.06
C ARG A 437 12.12 26.93 14.44
N PRO A 438 12.89 26.22 15.28
CA PRO A 438 14.03 25.43 14.79
C PRO A 438 13.55 24.43 13.75
N ARG A 439 14.40 24.13 12.78
CA ARG A 439 14.04 23.21 11.72
C ARG A 439 14.66 21.85 12.03
N SER A 440 13.86 20.97 12.64
CA SER A 440 14.35 19.65 13.07
C SER A 440 14.78 18.81 11.87
N GLU A 441 15.85 18.04 12.06
CA GLU A 441 16.42 17.25 10.96
C GLU A 441 16.27 15.74 11.17
N GLY A 442 16.10 15.04 10.06
CA GLY A 442 16.14 13.59 10.08
C GLY A 442 17.20 13.17 9.08
N ARG A 443 18.21 12.43 9.56
CA ARG A 443 19.39 12.15 8.76
C ARG A 443 19.94 13.43 8.14
N ASN A 444 20.15 14.46 8.96
CA ASN A 444 20.80 15.68 8.52
C ASN A 444 20.10 16.41 7.36
N GLN A 445 18.83 16.12 7.14
CA GLN A 445 18.14 16.75 6.02
C GLN A 445 16.76 17.30 6.38
N LEU A 446 16.28 18.19 5.51
CA LEU A 446 14.99 18.84 5.69
C LEU A 446 14.05 18.35 4.60
N VAL A 447 12.76 18.60 4.78
CA VAL A 447 11.77 18.18 3.80
C VAL A 447 11.40 19.36 2.92
N LEU A 448 11.44 19.16 1.60
CA LEU A 448 11.00 20.18 0.66
C LEU A 448 9.49 20.37 0.74
N ASP A 449 9.04 21.60 0.55
CA ASP A 449 7.62 21.93 0.66
C ASP A 449 6.92 21.63 -0.67
N TYR A 450 6.53 20.38 -0.87
CA TYR A 450 5.85 20.01 -2.11
C TYR A 450 4.43 20.56 -2.20
N SER A 451 3.97 21.30 -1.19
CA SER A 451 2.68 21.98 -1.33
C SER A 451 2.83 23.18 -2.25
N ARG A 452 4.08 23.53 -2.58
CA ARG A 452 4.35 24.71 -3.41
C ARG A 452 4.59 24.35 -4.87
N GLU A 453 3.93 25.09 -5.77
CA GLU A 453 4.09 24.87 -7.20
C GLU A 453 5.52 25.09 -7.67
N ASP A 454 6.17 26.14 -7.18
CA ASP A 454 7.53 26.44 -7.61
C ASP A 454 8.50 25.30 -7.25
N VAL A 455 8.33 24.75 -6.06
CA VAL A 455 9.12 23.62 -5.63
C VAL A 455 8.91 22.43 -6.54
N CYS A 456 7.65 22.09 -6.79
CA CYS A 456 7.33 20.92 -7.61
C CYS A 456 7.86 21.08 -9.04
N ASP A 457 7.68 22.28 -9.61
CA ASP A 457 8.18 22.55 -10.96
C ASP A 457 9.70 22.41 -11.01
N TYR A 458 10.37 22.90 -9.97
CA TYR A 458 11.82 22.78 -9.89
C TYR A 458 12.26 21.32 -9.86
N ILE A 459 11.57 20.49 -9.09
CA ILE A 459 11.93 19.08 -9.00
C ILE A 459 11.70 18.36 -10.33
N ILE A 460 10.54 18.61 -10.93
CA ILE A 460 10.23 18.02 -12.23
C ILE A 460 11.30 18.40 -13.25
N GLU A 461 11.65 19.68 -13.30
CA GLU A 461 12.70 20.15 -14.20
C GLU A 461 14.02 19.46 -13.94
N THR A 462 14.45 19.50 -12.68
CA THR A 462 15.77 19.02 -12.30
C THR A 462 15.94 17.52 -12.46
N ILE A 463 14.95 16.75 -12.00
CA ILE A 463 15.05 15.30 -12.14
C ILE A 463 14.93 14.90 -13.62
N SER A 464 14.09 15.60 -14.38
CA SER A 464 13.99 15.30 -15.81
C SER A 464 15.31 15.55 -16.53
N ASN A 465 16.00 16.62 -16.18
CA ASN A 465 17.32 16.88 -16.76
C ASN A 465 18.29 15.73 -16.60
N VAL A 466 18.23 15.07 -15.46
CA VAL A 466 19.10 13.92 -15.17
C VAL A 466 18.61 12.70 -15.93
N LEU A 467 17.30 12.43 -15.83
CA LEU A 467 16.77 11.18 -16.38
C LEU A 467 16.83 11.13 -17.91
N ALA A 468 16.72 12.27 -18.56
CA ALA A 468 16.80 12.32 -20.03
C ALA A 468 18.24 12.39 -20.52
N SER A 469 19.19 12.43 -19.60
CA SER A 469 20.60 12.55 -19.97
C SER A 469 21.31 11.21 -20.26
N ALA A 470 20.61 10.09 -20.05
CA ALA A 470 21.20 8.77 -20.21
C ALA A 470 20.11 7.71 -20.45
N PRO A 471 20.48 6.58 -21.06
CA PRO A 471 19.47 5.54 -21.29
C PRO A 471 19.15 4.81 -19.99
N ILE A 472 18.49 5.51 -19.09
CA ILE A 472 18.06 4.97 -17.81
C ILE A 472 16.70 4.29 -17.97
N THR A 473 16.55 3.08 -17.43
CA THR A 473 15.28 2.36 -17.52
C THR A 473 14.78 1.86 -16.17
N TYR A 474 15.38 2.36 -15.09
CA TYR A 474 14.89 2.05 -13.74
C TYR A 474 15.31 3.18 -12.83
N VAL A 475 14.40 3.60 -11.96
CA VAL A 475 14.71 4.64 -10.99
C VAL A 475 14.17 4.18 -9.64
N LYS A 476 15.01 4.24 -8.61
CA LYS A 476 14.50 4.06 -7.25
C LYS A 476 14.31 5.42 -6.61
N TRP A 477 13.07 5.71 -6.23
CA TRP A 477 12.70 7.01 -5.69
C TRP A 477 12.55 6.87 -4.18
N ASP A 478 13.51 7.37 -3.42
CA ASP A 478 13.60 7.15 -1.97
C ASP A 478 13.15 8.40 -1.20
N MET A 479 12.64 8.25 0.02
CA MET A 479 12.34 9.38 0.92
C MET A 479 12.70 8.91 2.32
N ASN A 480 13.69 9.55 2.93
CA ASN A 480 14.30 8.97 4.14
C ASN A 480 14.07 9.70 5.44
N ARG A 481 13.00 10.49 5.53
CA ARG A 481 12.57 11.02 6.82
C ARG A 481 11.10 11.39 6.84
N HIS A 482 10.59 11.65 8.04
CA HIS A 482 9.20 12.05 8.23
C HIS A 482 9.10 13.53 8.59
N MET A 483 7.92 14.12 8.37
CA MET A 483 7.74 15.57 8.52
C MET A 483 7.71 16.08 9.95
N THR A 484 8.49 17.12 10.24
CA THR A 484 8.32 17.88 11.47
C THR A 484 8.12 19.36 11.15
N GLU A 485 7.63 20.13 12.12
CA GLU A 485 7.33 21.56 11.93
C GLU A 485 6.59 21.83 10.64
N ILE A 486 5.45 21.16 10.50
CA ILE A 486 4.73 21.18 9.23
C ILE A 486 4.08 22.53 8.99
N GLY A 487 4.51 23.19 7.92
CA GLY A 487 3.91 24.44 7.52
C GLY A 487 4.52 24.91 6.22
N SER A 488 3.95 25.97 5.67
CA SER A 488 4.37 26.48 4.37
C SER A 488 4.31 27.99 4.40
N SER A 489 5.36 28.66 3.94
CA SER A 489 5.31 30.11 3.90
C SER A 489 4.43 30.60 2.74
N ALA A 490 3.99 29.68 1.89
CA ALA A 490 3.13 30.03 0.76
C ALA A 490 1.64 29.85 1.03
N LEU A 491 1.28 29.42 2.25
CA LEU A 491 -0.12 29.33 2.65
C LEU A 491 -0.43 30.36 3.75
N PRO A 492 -1.65 30.91 3.75
CA PRO A 492 -2.08 31.83 4.82
C PRO A 492 -2.32 31.05 6.11
N PRO A 493 -2.40 31.74 7.27
CA PRO A 493 -2.63 31.08 8.56
C PRO A 493 -3.82 30.13 8.56
N GLU A 494 -4.90 30.54 7.92
CA GLU A 494 -6.13 29.76 7.93
C GLU A 494 -6.02 28.47 7.13
N ARG A 495 -4.94 28.28 6.38
CA ARG A 495 -4.75 27.05 5.60
C ARG A 495 -3.50 26.28 6.01
N GLN A 496 -2.84 26.69 7.07
CA GLN A 496 -1.60 26.02 7.47
C GLN A 496 -1.76 24.52 7.69
N ARG A 497 -2.90 24.12 8.24
CA ARG A 497 -3.11 22.70 8.55
C ARG A 497 -3.45 21.87 7.31
N GLU A 498 -3.42 22.50 6.15
CA GLU A 498 -3.60 21.79 4.89
C GLU A 498 -2.25 21.39 4.33
N THR A 499 -1.17 21.79 5.01
CA THR A 499 0.18 21.61 4.46
C THR A 499 0.51 20.14 4.17
N ALA A 500 0.26 19.26 5.13
CA ALA A 500 0.62 17.85 4.94
C ALA A 500 -0.09 17.23 3.77
N HIS A 501 -1.40 17.48 3.66
CA HIS A 501 -2.15 16.92 2.54
C HIS A 501 -1.77 17.57 1.20
N ARG A 502 -1.59 18.89 1.19
CA ARG A 502 -1.18 19.57 -0.03
C ARG A 502 0.19 19.10 -0.48
N TYR A 503 1.06 18.80 0.48
CA TYR A 503 2.37 18.20 0.18
C TYR A 503 2.17 16.91 -0.59
N MET A 504 1.24 16.07 -0.12
CA MET A 504 1.06 14.77 -0.74
C MET A 504 0.45 14.94 -2.13
N LEU A 505 -0.47 15.88 -2.26
CA LEU A 505 -1.04 16.19 -3.57
C LEU A 505 0.06 16.65 -4.53
N GLY A 506 1.00 17.44 -4.00
CA GLY A 506 2.13 17.93 -4.78
C GLY A 506 3.02 16.79 -5.23
N LEU A 507 3.31 15.87 -4.32
CA LEU A 507 4.15 14.71 -4.64
C LEU A 507 3.48 13.87 -5.71
N TYR A 508 2.17 13.67 -5.55
CA TYR A 508 1.40 12.93 -6.54
C TYR A 508 1.45 13.57 -7.91
N ARG A 509 1.34 14.89 -7.97
CA ARG A 509 1.44 15.58 -9.26
C ARG A 509 2.83 15.38 -9.86
N VAL A 510 3.85 15.54 -9.03
CA VAL A 510 5.23 15.35 -9.44
C VAL A 510 5.48 13.92 -9.95
N MET A 511 5.02 12.93 -9.19
CA MET A 511 5.25 11.56 -9.63
C MET A 511 4.48 11.22 -10.91
N ASP A 512 3.27 11.74 -11.03
CA ASP A 512 2.48 11.49 -12.23
C ASP A 512 3.21 12.06 -13.44
N GLU A 513 3.72 13.29 -13.29
CA GLU A 513 4.46 13.92 -14.39
C GLU A 513 5.73 13.14 -14.71
N MET A 514 6.47 12.75 -13.68
CA MET A 514 7.73 12.05 -13.93
C MET A 514 7.55 10.70 -14.60
N THR A 515 6.58 9.91 -14.15
CA THR A 515 6.37 8.60 -14.78
C THR A 515 5.81 8.72 -16.20
N SER A 516 5.09 9.79 -16.48
CA SER A 516 4.59 10.02 -17.83
C SER A 516 5.70 10.51 -18.75
N ARG A 517 6.60 11.33 -18.20
CA ARG A 517 7.72 11.85 -19.00
C ARG A 517 8.72 10.76 -19.35
N PHE A 518 8.76 9.72 -18.54
CA PHE A 518 9.74 8.66 -18.74
C PHE A 518 9.08 7.29 -18.76
N PRO A 519 8.33 7.02 -19.83
CA PRO A 519 7.55 5.78 -19.91
C PRO A 519 8.41 4.54 -20.04
N HIS A 520 9.70 4.68 -20.36
CA HIS A 520 10.56 3.51 -20.46
C HIS A 520 11.25 3.20 -19.14
N ILE A 521 10.89 3.93 -18.10
CA ILE A 521 11.52 3.73 -16.81
C ILE A 521 10.59 2.99 -15.88
N LEU A 522 11.08 1.88 -15.34
CA LEU A 522 10.43 1.20 -14.23
C LEU A 522 10.80 1.94 -12.96
N PHE A 523 9.82 2.56 -12.31
CA PHE A 523 10.05 3.29 -11.07
C PHE A 523 9.69 2.38 -9.89
N GLU A 524 10.57 2.39 -8.88
CA GLU A 524 10.35 1.67 -7.63
C GLU A 524 10.38 2.69 -6.50
N SER A 525 9.31 2.76 -5.70
CA SER A 525 9.27 3.72 -4.60
C SER A 525 9.95 3.11 -3.40
N CYS A 526 10.41 3.96 -2.49
CA CYS A 526 11.18 3.50 -1.35
C CYS A 526 11.08 4.57 -0.29
N SER A 527 11.07 4.16 0.96
CA SER A 527 11.13 5.15 2.02
C SER A 527 11.77 4.47 3.21
N GLY A 528 13.10 4.46 3.23
CA GLY A 528 13.84 3.70 4.21
C GLY A 528 13.28 2.30 4.23
N GLY A 529 13.15 1.71 3.05
CA GLY A 529 12.46 0.45 2.90
C GLY A 529 10.98 0.70 2.63
N GLY A 530 10.13 0.02 3.39
CA GLY A 530 8.70 0.02 3.12
C GLY A 530 7.92 1.03 3.94
N GLY A 531 8.48 2.23 4.09
CA GLY A 531 7.84 3.29 4.86
C GLY A 531 6.67 3.99 4.20
N ARG A 532 6.48 3.77 2.90
CA ARG A 532 5.30 4.25 2.18
C ARG A 532 4.84 3.16 1.23
N PHE A 533 4.72 1.94 1.75
CA PHE A 533 4.25 0.83 0.93
C PHE A 533 2.74 0.79 1.03
N ASP A 534 2.08 1.53 0.15
CA ASP A 534 0.65 1.71 0.25
C ASP A 534 0.07 1.78 -1.15
N PRO A 535 -1.26 1.62 -1.29
CA PRO A 535 -1.84 1.58 -2.63
C PRO A 535 -1.68 2.92 -3.35
N GLY A 536 -1.61 4.04 -2.62
CA GLY A 536 -1.43 5.34 -3.27
C GLY A 536 -0.14 5.39 -4.07
N MET A 537 0.95 4.89 -3.49
CA MET A 537 2.23 4.91 -4.19
C MET A 537 2.24 3.93 -5.36
N LEU A 538 1.56 2.80 -5.19
CA LEU A 538 1.51 1.77 -6.24
C LEU A 538 0.92 2.28 -7.55
N TYR A 539 -0.01 3.23 -7.45
CA TYR A 539 -0.63 3.82 -8.63
C TYR A 539 0.41 4.58 -9.46
N TYR A 540 1.46 5.08 -8.80
CA TYR A 540 2.52 5.82 -9.49
C TYR A 540 3.76 4.98 -9.83
N MET A 541 4.15 4.10 -8.91
CA MET A 541 5.34 3.27 -9.12
C MET A 541 4.98 1.83 -8.80
N PRO A 542 5.08 0.95 -9.82
CA PRO A 542 4.47 -0.38 -9.75
C PRO A 542 5.18 -1.38 -8.86
N GLN A 543 6.27 -0.98 -8.21
CA GLN A 543 6.87 -1.83 -7.20
C GLN A 543 7.48 -0.98 -6.10
N THR A 544 7.83 -1.64 -4.99
CA THR A 544 8.24 -0.92 -3.79
C THR A 544 9.33 -1.71 -3.10
N TRP A 545 10.28 -1.00 -2.50
CA TRP A 545 11.30 -1.68 -1.69
C TRP A 545 10.65 -2.03 -0.36
N THR A 546 10.48 -3.33 -0.12
CA THR A 546 9.66 -3.81 0.99
C THR A 546 10.20 -3.45 2.37
N SER A 547 11.50 -3.56 2.55
CA SER A 547 12.14 -3.27 3.84
C SER A 547 13.63 -3.16 3.68
N ASP A 548 14.24 -2.32 4.50
CA ASP A 548 15.71 -2.23 4.53
C ASP A 548 16.31 -3.45 5.20
N ASN A 549 15.48 -4.18 5.93
CA ASN A 549 15.93 -5.41 6.58
C ASN A 549 15.88 -6.52 5.56
N THR A 550 17.04 -7.06 5.23
CA THR A 550 17.10 -8.14 4.25
C THR A 550 17.49 -9.46 4.90
N ASP A 551 17.47 -9.50 6.23
CA ASP A 551 17.70 -10.75 6.94
C ASP A 551 16.62 -11.77 6.56
N ALA A 552 17.03 -13.00 6.25
CA ALA A 552 16.10 -14.02 5.77
C ALA A 552 14.96 -14.30 6.76
N VAL A 553 15.29 -14.47 8.03
CA VAL A 553 14.29 -14.75 9.05
C VAL A 553 13.36 -13.56 9.27
N SER A 554 13.95 -12.36 9.35
CA SER A 554 13.16 -11.15 9.52
C SER A 554 12.20 -10.96 8.35
N ARG A 555 12.68 -11.25 7.14
CA ARG A 555 11.84 -11.08 5.95
C ARG A 555 10.65 -12.03 5.88
N LEU A 556 10.71 -13.15 6.58
CA LEU A 556 9.59 -14.08 6.61
C LEU A 556 8.36 -13.34 7.14
N LYS A 557 8.54 -12.65 8.25
CA LYS A 557 7.42 -11.91 8.80
C LYS A 557 7.04 -10.72 7.92
N ILE A 558 8.04 -9.96 7.47
CA ILE A 558 7.76 -8.75 6.69
C ILE A 558 7.03 -9.10 5.40
N GLN A 559 7.51 -10.12 4.70
CA GLN A 559 6.88 -10.49 3.44
C GLN A 559 5.50 -11.11 3.63
N TYR A 560 5.35 -11.90 4.68
CA TYR A 560 4.08 -12.55 4.97
C TYR A 560 3.01 -11.47 5.24
N GLY A 561 3.34 -10.50 6.08
CA GLY A 561 2.40 -9.43 6.37
C GLY A 561 2.17 -8.50 5.19
N THR A 562 3.22 -8.17 4.46
CA THR A 562 3.04 -7.29 3.30
C THR A 562 2.08 -7.92 2.29
N SER A 563 2.21 -9.24 2.11
CA SER A 563 1.36 -9.96 1.15
C SER A 563 -0.12 -9.98 1.52
N LEU A 564 -0.45 -9.58 2.75
CA LEU A 564 -1.87 -9.55 3.14
C LEU A 564 -2.65 -8.63 2.20
N VAL A 565 -2.00 -7.57 1.75
CA VAL A 565 -2.66 -6.61 0.88
C VAL A 565 -2.01 -6.47 -0.50
N TYR A 566 -0.69 -6.56 -0.55
CA TYR A 566 0.04 -6.09 -1.73
C TYR A 566 0.49 -7.22 -2.62
N PRO A 567 0.37 -7.04 -3.94
CA PRO A 567 0.76 -8.13 -4.85
C PRO A 567 2.26 -8.38 -4.82
N ILE A 568 2.65 -9.64 -4.99
CA ILE A 568 4.05 -10.04 -4.96
C ILE A 568 4.85 -9.31 -6.03
N SER A 569 4.19 -8.95 -7.13
CA SER A 569 4.85 -8.19 -8.19
C SER A 569 5.44 -6.87 -7.68
N ALA A 570 4.82 -6.30 -6.64
CA ALA A 570 5.27 -5.02 -6.10
C ALA A 570 6.29 -5.18 -4.97
N MET A 571 6.51 -6.42 -4.51
CA MET A 571 7.22 -6.64 -3.24
C MET A 571 8.70 -6.96 -3.42
N GLY A 572 9.52 -5.92 -3.50
CA GLY A 572 10.96 -6.08 -3.63
C GLY A 572 11.57 -6.92 -2.53
N ALA A 573 12.42 -7.87 -2.92
CA ALA A 573 13.09 -8.74 -1.97
C ALA A 573 14.45 -9.08 -2.52
N HIS A 574 15.50 -8.75 -1.78
CA HIS A 574 16.86 -8.94 -2.29
C HIS A 574 17.71 -9.83 -1.40
N VAL A 575 18.58 -10.61 -2.04
CA VAL A 575 19.63 -11.33 -1.32
C VAL A 575 20.75 -10.36 -0.98
N SER A 576 21.11 -10.29 0.30
CA SER A 576 22.22 -9.44 0.74
C SER A 576 23.31 -10.29 1.40
N ALA A 577 24.43 -9.65 1.72
CA ALA A 577 25.56 -10.36 2.33
C ALA A 577 25.49 -10.38 3.85
N VAL A 578 26.14 -11.38 4.43
CA VAL A 578 26.09 -11.68 5.86
C VAL A 578 27.53 -11.70 6.43
N PRO A 579 27.75 -11.24 7.68
CA PRO A 579 26.92 -10.74 8.79
C PRO A 579 25.77 -9.83 8.38
N ASN A 580 24.55 -10.20 8.73
CA ASN A 580 23.44 -9.30 8.48
C ASN A 580 23.57 -8.06 9.37
N HIS A 581 22.78 -7.04 9.10
CA HIS A 581 23.11 -5.69 9.51
C HIS A 581 22.20 -5.12 10.58
N GLN A 582 20.91 -5.13 10.29
CA GLN A 582 19.91 -4.66 11.22
C GLN A 582 19.89 -5.62 12.42
N VAL A 583 19.98 -6.91 12.12
CA VAL A 583 19.81 -7.94 13.15
C VAL A 583 21.13 -8.61 13.62
N GLY A 584 21.88 -9.26 12.72
CA GLY A 584 23.08 -9.98 13.11
C GLY A 584 23.18 -11.45 12.79
N ARG A 585 22.43 -11.89 11.78
CA ARG A 585 22.23 -13.31 11.53
C ARG A 585 22.92 -13.99 10.36
N VAL A 586 23.20 -15.27 10.51
CA VAL A 586 23.83 -16.05 9.45
C VAL A 586 22.91 -17.15 8.93
N ALA A 587 22.43 -16.98 7.71
CA ALA A 587 21.66 -18.02 7.02
C ALA A 587 22.28 -18.31 5.67
N SER A 588 22.10 -19.54 5.18
CA SER A 588 22.75 -19.95 3.94
C SER A 588 22.35 -19.07 2.76
N LEU A 589 23.23 -18.98 1.78
CA LEU A 589 22.96 -18.26 0.53
C LEU A 589 21.72 -18.84 -0.11
N LYS A 590 21.57 -20.15 0.05
CA LYS A 590 20.41 -20.89 -0.40
C LYS A 590 19.16 -20.34 0.28
N ALA A 591 19.23 -20.20 1.60
CA ALA A 591 18.11 -19.77 2.42
C ALA A 591 17.64 -18.35 2.09
N ARG A 592 18.59 -17.41 2.01
CA ARG A 592 18.25 -16.03 1.68
C ARG A 592 17.67 -15.96 0.29
N GLY A 593 18.18 -16.79 -0.62
CA GLY A 593 17.63 -16.88 -1.95
C GLY A 593 16.19 -17.32 -1.87
N HIS A 594 15.93 -18.35 -1.06
CA HIS A 594 14.59 -18.90 -0.96
C HIS A 594 13.55 -17.85 -0.52
N VAL A 595 13.94 -17.02 0.45
CA VAL A 595 13.03 -15.99 0.94
C VAL A 595 12.87 -14.89 -0.11
N ALA A 596 13.97 -14.45 -0.69
CA ALA A 596 13.93 -13.34 -1.66
C ALA A 596 13.31 -13.72 -2.99
N MET A 597 13.45 -14.97 -3.40
CA MET A 597 12.84 -15.44 -4.65
C MET A 597 11.34 -15.63 -4.49
N SER A 598 10.84 -15.43 -3.26
CA SER A 598 9.40 -15.43 -3.01
C SER A 598 8.84 -14.01 -3.12
N GLY A 599 9.68 -13.08 -3.55
CA GLY A 599 9.24 -11.73 -3.87
C GLY A 599 9.70 -11.31 -5.26
N ASN A 600 9.73 -10.00 -5.48
CA ASN A 600 10.28 -9.39 -6.70
C ASN A 600 11.79 -9.35 -6.48
N PHE A 601 12.51 -10.25 -7.16
CA PHE A 601 13.86 -10.69 -6.78
C PHE A 601 15.00 -9.80 -7.25
N GLY A 602 16.02 -9.69 -6.41
CA GLY A 602 17.16 -8.85 -6.72
C GLY A 602 18.28 -9.10 -5.75
N TYR A 603 19.37 -8.34 -5.92
CA TYR A 603 20.55 -8.49 -5.12
C TYR A 603 21.02 -7.17 -4.54
N GLU A 604 21.67 -7.25 -3.39
CA GLU A 604 22.14 -6.06 -2.71
C GLU A 604 23.45 -6.38 -2.00
N LEU A 605 24.52 -6.51 -2.75
CA LEU A 605 25.78 -6.90 -2.17
C LEU A 605 26.98 -6.39 -2.97
N ASP A 606 28.17 -6.76 -2.52
CA ASP A 606 29.40 -6.47 -3.24
C ASP A 606 29.83 -7.74 -3.95
N ILE A 607 29.69 -7.76 -5.27
CA ILE A 607 30.07 -8.93 -6.05
C ILE A 607 31.58 -9.20 -6.02
N THR A 608 32.36 -8.17 -5.68
CA THR A 608 33.82 -8.31 -5.62
C THR A 608 34.29 -9.16 -4.44
N LYS A 609 33.37 -9.49 -3.53
CA LYS A 609 33.71 -10.23 -2.32
C LYS A 609 33.24 -11.67 -2.35
N LEU A 610 32.77 -12.12 -3.51
CA LEU A 610 32.15 -13.43 -3.60
C LEU A 610 33.12 -14.54 -4.03
N THR A 611 32.99 -15.70 -3.41
CA THR A 611 33.75 -16.87 -3.83
C THR A 611 33.15 -17.42 -5.12
N GLU A 612 33.96 -18.16 -5.88
CA GLU A 612 33.48 -18.72 -7.14
C GLU A 612 32.24 -19.59 -6.93
N THR A 613 32.24 -20.38 -5.87
CA THR A 613 31.11 -21.25 -5.56
C THR A 613 29.88 -20.42 -5.24
N GLU A 614 30.08 -19.27 -4.60
CA GLU A 614 28.97 -18.36 -4.30
C GLU A 614 28.37 -17.76 -5.56
N LYS A 615 29.21 -17.21 -6.43
CA LYS A 615 28.76 -16.65 -7.70
C LYS A 615 28.05 -17.74 -8.48
N GLN A 616 28.53 -18.96 -8.29
CA GLN A 616 27.97 -20.12 -8.95
C GLN A 616 26.56 -20.42 -8.42
N MET A 617 26.34 -20.21 -7.12
CA MET A 617 25.01 -20.35 -6.55
C MET A 617 24.11 -19.24 -7.09
N ILE A 618 24.67 -18.04 -7.15
CA ILE A 618 23.95 -16.87 -7.63
C ILE A 618 23.55 -17.04 -9.09
N LYS A 619 24.47 -17.54 -9.90
CA LYS A 619 24.17 -17.83 -11.30
C LYS A 619 23.00 -18.81 -11.38
N GLN A 620 22.97 -19.76 -10.46
CA GLN A 620 21.89 -20.75 -10.42
C GLN A 620 20.59 -20.18 -9.88
N GLN A 621 20.67 -19.36 -8.85
CA GLN A 621 19.47 -18.67 -8.32
C GLN A 621 18.82 -17.84 -9.42
N VAL A 622 19.65 -17.08 -10.14
CA VAL A 622 19.17 -16.22 -11.22
C VAL A 622 18.47 -17.03 -12.30
N ALA A 623 19.08 -18.14 -12.71
CA ALA A 623 18.47 -18.99 -13.71
C ALA A 623 17.16 -19.57 -13.19
N PHE A 624 17.16 -19.95 -11.91
CA PHE A 624 15.99 -20.53 -11.29
C PHE A 624 14.86 -19.51 -11.23
N TYR A 625 15.16 -18.30 -10.77
CA TYR A 625 14.11 -17.30 -10.64
C TYR A 625 13.55 -16.93 -12.00
N LYS A 626 14.41 -16.84 -13.02
CA LYS A 626 13.91 -16.58 -14.36
C LYS A 626 12.88 -17.62 -14.79
N ASP A 627 13.09 -18.86 -14.35
CA ASP A 627 12.19 -19.94 -14.69
C ASP A 627 10.85 -19.87 -13.96
N VAL A 628 10.84 -19.30 -12.76
CA VAL A 628 9.60 -19.25 -11.97
C VAL A 628 9.08 -17.82 -11.80
N ARG A 629 9.74 -16.85 -12.41
CA ARG A 629 9.38 -15.45 -12.18
C ARG A 629 7.93 -15.10 -12.55
N ARG A 630 7.45 -15.62 -13.66
CA ARG A 630 6.08 -15.34 -14.08
C ARG A 630 5.12 -15.91 -13.03
N LEU A 631 5.44 -17.09 -12.53
CA LEU A 631 4.64 -17.75 -11.53
C LEU A 631 4.65 -16.95 -10.22
N VAL A 632 5.84 -16.52 -9.78
CA VAL A 632 5.96 -15.73 -8.55
C VAL A 632 5.31 -14.34 -8.66
N GLN A 633 5.61 -13.62 -9.73
CA GLN A 633 5.13 -12.24 -9.82
C GLN A 633 3.66 -12.13 -10.24
N PHE A 634 3.16 -13.13 -10.96
CA PHE A 634 1.81 -13.05 -11.51
C PHE A 634 0.89 -14.20 -11.17
N GLY A 635 1.40 -15.20 -10.46
CA GLY A 635 0.57 -16.33 -10.08
C GLY A 635 -0.32 -16.00 -8.89
N THR A 636 -1.20 -16.94 -8.54
CA THR A 636 -2.07 -16.75 -7.39
C THR A 636 -1.28 -17.16 -6.14
N PHE A 637 -1.25 -16.30 -5.13
CA PHE A 637 -0.40 -16.51 -3.96
C PHE A 637 -1.25 -17.03 -2.81
N TYR A 638 -0.79 -18.11 -2.17
CA TYR A 638 -1.48 -18.69 -1.02
C TYR A 638 -0.53 -18.75 0.15
N ARG A 639 -0.91 -18.12 1.26
CA ARG A 639 -0.17 -18.30 2.50
C ARG A 639 -0.60 -19.61 3.16
N LEU A 640 0.37 -20.39 3.62
CA LEU A 640 0.06 -21.71 4.18
C LEU A 640 0.33 -21.80 5.68
N LEU A 641 1.52 -21.37 6.10
CA LEU A 641 1.90 -21.39 7.52
C LEU A 641 2.44 -20.03 7.94
N SER A 642 2.01 -19.55 9.11
CA SER A 642 2.30 -18.18 9.52
C SER A 642 3.42 -18.10 10.54
N PRO A 643 4.42 -17.25 10.25
CA PRO A 643 5.53 -17.04 11.19
C PRO A 643 5.06 -16.19 12.37
N PHE A 644 3.83 -15.70 12.33
CA PHE A 644 3.28 -15.00 13.47
C PHE A 644 2.60 -15.97 14.43
N GLU A 645 2.51 -17.23 14.03
CA GLU A 645 1.82 -18.25 14.80
C GLU A 645 2.73 -19.37 15.30
N GLY A 646 4.00 -19.29 14.94
CA GLY A 646 4.96 -20.30 15.34
C GLY A 646 6.25 -20.14 14.58
N ASN A 647 7.07 -21.19 14.58
CA ASN A 647 8.40 -21.14 14.00
C ASN A 647 8.49 -21.49 12.51
N GLU A 648 7.34 -21.73 11.89
CA GLU A 648 7.30 -22.06 10.47
C GLU A 648 6.72 -20.93 9.65
N ALA A 649 7.08 -20.90 8.37
CA ALA A 649 6.44 -20.01 7.41
C ALA A 649 6.36 -20.79 6.12
N ALA A 650 5.23 -20.71 5.43
CA ALA A 650 5.09 -21.43 4.17
C ALA A 650 4.05 -20.76 3.30
N TRP A 651 4.29 -20.83 1.99
CA TRP A 651 3.41 -20.19 1.03
C TRP A 651 3.65 -20.80 -0.33
N MET A 652 2.78 -20.52 -1.29
CA MET A 652 2.98 -21.08 -2.62
C MET A 652 2.33 -20.21 -3.68
N PHE A 653 2.76 -20.42 -4.92
CA PHE A 653 2.27 -19.65 -6.06
C PHE A 653 1.70 -20.68 -7.04
N VAL A 654 0.52 -20.40 -7.60
CA VAL A 654 -0.11 -21.33 -8.53
C VAL A 654 -0.47 -20.59 -9.81
N SER A 655 -0.20 -21.22 -10.95
CA SER A 655 -0.48 -20.60 -12.24
C SER A 655 -1.98 -20.49 -12.42
N ALA A 656 -2.41 -19.67 -13.37
CA ALA A 656 -3.84 -19.45 -13.59
C ALA A 656 -4.58 -20.74 -13.94
N ASP A 657 -3.95 -21.61 -14.72
CA ASP A 657 -4.60 -22.86 -15.13
C ASP A 657 -4.36 -24.02 -14.15
N ARG A 658 -3.68 -23.71 -13.04
CA ARG A 658 -3.33 -24.67 -12.00
C ARG A 658 -2.41 -25.80 -12.44
N SER A 659 -1.70 -25.61 -13.54
CA SER A 659 -0.84 -26.67 -14.06
C SER A 659 0.55 -26.60 -13.45
N GLU A 660 0.90 -25.45 -12.86
CA GLU A 660 2.22 -25.26 -12.30
C GLU A 660 2.15 -24.55 -10.97
N ALA A 661 3.08 -24.87 -10.08
CA ALA A 661 3.12 -24.18 -8.80
C ALA A 661 4.51 -24.13 -8.26
N LEU A 662 4.75 -23.24 -7.31
CA LEU A 662 6.03 -23.15 -6.63
C LEU A 662 5.71 -23.12 -5.15
N VAL A 663 6.31 -24.02 -4.37
CA VAL A 663 6.00 -24.10 -2.94
C VAL A 663 7.26 -23.76 -2.17
N ALA A 664 7.12 -22.95 -1.12
CA ALA A 664 8.27 -22.61 -0.29
C ALA A 664 7.98 -22.91 1.17
N TYR A 665 8.93 -23.52 1.88
CA TYR A 665 8.77 -23.84 3.30
C TYR A 665 9.97 -23.38 4.11
N PHE A 666 9.71 -22.83 5.29
CA PHE A 666 10.75 -22.35 6.18
C PHE A 666 10.47 -22.74 7.63
N ARG A 667 11.52 -23.05 8.38
CA ARG A 667 11.37 -23.28 9.81
C ARG A 667 12.59 -22.75 10.52
N VAL A 668 12.37 -22.00 11.60
CA VAL A 668 13.47 -21.52 12.42
C VAL A 668 13.57 -22.33 13.71
N LEU A 669 14.79 -22.47 14.21
CA LEU A 669 15.05 -23.17 15.47
C LEU A 669 14.40 -24.54 15.56
N ALA A 670 14.57 -25.33 14.50
CA ALA A 670 14.09 -26.70 14.49
C ALA A 670 14.87 -27.51 15.52
N GLU A 671 14.16 -28.11 16.46
CA GLU A 671 14.78 -28.82 17.59
C GLU A 671 15.32 -30.17 17.17
N ALA A 672 16.24 -30.70 17.96
CA ALA A 672 16.77 -32.04 17.76
C ALA A 672 15.66 -33.07 17.89
N ASN A 673 15.78 -34.17 17.16
CA ASN A 673 14.88 -35.31 17.35
C ASN A 673 13.42 -34.89 17.35
N ALA A 674 13.04 -34.07 16.37
CA ALA A 674 11.73 -33.43 16.35
C ALA A 674 10.68 -34.31 15.68
N PRO A 675 9.39 -34.04 15.96
CA PRO A 675 8.31 -34.70 15.24
C PRO A 675 8.49 -34.49 13.75
N LEU A 676 7.95 -35.40 12.95
CA LEU A 676 7.90 -35.18 11.51
C LEU A 676 6.96 -34.02 11.23
N SER A 677 7.24 -33.26 10.17
CA SER A 677 6.39 -32.14 9.80
C SER A 677 5.75 -32.42 8.44
N TYR A 678 4.60 -31.78 8.21
CA TYR A 678 3.84 -31.96 6.99
C TYR A 678 3.44 -30.62 6.45
N LEU A 679 3.18 -30.53 5.15
CA LEU A 679 2.67 -29.29 4.57
C LEU A 679 1.53 -29.58 3.61
N ARG A 680 0.34 -29.09 3.94
CA ARG A 680 -0.78 -29.25 3.03
C ARG A 680 -0.83 -28.06 2.08
N LEU A 681 -1.01 -28.35 0.79
CA LEU A 681 -1.00 -27.29 -0.21
C LEU A 681 -2.43 -26.80 -0.45
N LYS A 682 -2.57 -25.75 -1.26
CA LYS A 682 -3.86 -25.21 -1.63
C LYS A 682 -3.83 -24.84 -3.10
N GLY A 683 -5.02 -24.69 -3.70
CA GLY A 683 -5.12 -24.06 -5.01
C GLY A 683 -4.81 -24.95 -6.21
N LEU A 684 -4.65 -26.24 -5.98
CA LEU A 684 -4.35 -27.17 -7.07
C LEU A 684 -5.63 -27.86 -7.54
N ASP A 685 -5.54 -28.55 -8.67
CA ASP A 685 -6.65 -29.33 -9.19
C ASP A 685 -6.58 -30.68 -8.50
N PRO A 686 -7.59 -31.04 -7.69
CA PRO A 686 -7.46 -32.29 -6.93
C PRO A 686 -7.37 -33.53 -7.82
N ASN A 687 -7.91 -33.42 -9.04
CA ASN A 687 -7.94 -34.55 -9.96
C ASN A 687 -6.74 -34.63 -10.89
N GLN A 688 -5.83 -33.67 -10.74
CA GLN A 688 -4.60 -33.68 -11.52
C GLN A 688 -3.47 -34.28 -10.72
N ASP A 689 -2.51 -34.90 -11.40
CA ASP A 689 -1.32 -35.39 -10.74
C ASP A 689 -0.19 -34.41 -11.01
N TYR A 690 0.66 -34.20 -10.02
CA TYR A 690 1.75 -33.24 -10.15
C TYR A 690 3.10 -33.86 -9.84
N GLU A 691 4.08 -33.57 -10.69
CA GLU A 691 5.44 -33.95 -10.37
C GLU A 691 6.07 -32.85 -9.52
N ILE A 692 6.61 -33.23 -8.37
CA ILE A 692 7.35 -32.30 -7.53
C ILE A 692 8.83 -32.59 -7.73
N GLU A 693 9.57 -31.60 -8.21
CA GLU A 693 11.00 -31.77 -8.42
C GLU A 693 11.69 -32.30 -7.17
N GLY A 694 12.26 -33.50 -7.29
CA GLY A 694 12.98 -34.11 -6.19
C GLY A 694 12.16 -34.89 -5.16
N LEU A 695 10.85 -35.02 -5.38
CA LEU A 695 10.00 -35.74 -4.45
C LEU A 695 9.01 -36.71 -5.12
N GLY A 696 9.01 -36.78 -6.44
CA GLY A 696 8.14 -37.72 -7.13
C GLY A 696 6.79 -37.16 -7.57
N VAL A 697 5.84 -38.04 -7.87
CA VAL A 697 4.52 -37.65 -8.35
C VAL A 697 3.43 -37.78 -7.27
N TYR A 698 2.57 -36.76 -7.14
CA TYR A 698 1.49 -36.77 -6.14
C TYR A 698 0.20 -36.29 -6.77
N GLY A 699 -0.93 -36.81 -6.30
CA GLY A 699 -2.21 -36.29 -6.72
C GLY A 699 -2.38 -34.90 -6.13
N GLY A 700 -3.10 -34.01 -6.83
CA GLY A 700 -3.41 -32.71 -6.26
C GLY A 700 -4.21 -32.90 -4.98
N ASP A 701 -5.10 -33.89 -5.00
CA ASP A 701 -5.88 -34.20 -3.80
C ASP A 701 -5.01 -34.66 -2.64
N GLU A 702 -4.08 -35.57 -2.92
CA GLU A 702 -3.10 -35.98 -1.90
C GLU A 702 -2.34 -34.77 -1.30
N LEU A 703 -1.89 -33.87 -2.16
CA LEU A 703 -1.10 -32.72 -1.72
C LEU A 703 -1.89 -31.79 -0.81
N MET A 704 -3.17 -31.64 -1.08
CA MET A 704 -3.99 -30.68 -0.34
C MET A 704 -4.66 -31.30 0.90
N TYR A 705 -5.04 -32.57 0.82
CA TYR A 705 -5.81 -33.18 1.89
C TYR A 705 -4.99 -34.00 2.87
N ALA A 706 -3.85 -34.51 2.42
CA ALA A 706 -2.97 -35.32 3.26
C ALA A 706 -1.68 -34.54 3.50
N GLY A 707 -1.24 -33.84 2.46
CA GLY A 707 -0.06 -32.99 2.55
C GLY A 707 1.23 -33.70 2.22
N VAL A 708 2.27 -32.90 2.06
CA VAL A 708 3.63 -33.37 1.76
C VAL A 708 4.33 -33.74 3.06
N ALA A 709 4.91 -34.93 3.12
CA ALA A 709 5.75 -35.24 4.27
C ALA A 709 7.08 -34.53 4.05
N LEU A 710 7.41 -33.58 4.91
CA LEU A 710 8.61 -32.79 4.67
C LEU A 710 9.83 -33.62 4.99
N PRO A 711 10.85 -33.55 4.12
CA PRO A 711 12.10 -34.24 4.43
C PRO A 711 12.57 -33.83 5.81
N TYR A 712 12.73 -34.80 6.72
CA TYR A 712 13.13 -34.45 8.08
C TYR A 712 14.46 -33.74 8.07
N ARG A 713 14.50 -32.61 8.77
CA ARG A 713 15.73 -31.88 8.94
C ARG A 713 15.68 -31.13 10.25
N SER A 714 16.86 -30.71 10.71
CA SER A 714 16.97 -29.99 11.97
C SER A 714 18.11 -29.00 11.84
N GLY A 715 18.03 -27.89 12.57
CA GLY A 715 19.02 -26.84 12.43
C GLY A 715 18.41 -25.49 12.71
N ASP A 716 19.22 -24.45 12.57
CA ASP A 716 18.80 -23.11 12.94
C ASP A 716 17.81 -22.50 11.97
N PHE A 717 18.00 -22.80 10.70
CA PHE A 717 17.11 -22.28 9.66
C PHE A 717 16.93 -23.27 8.52
N ILE A 718 15.74 -23.85 8.42
CA ILE A 718 15.43 -24.78 7.35
C ILE A 718 14.73 -23.99 6.25
N SER A 719 15.08 -24.29 5.00
CA SER A 719 14.57 -23.53 3.86
C SER A 719 14.42 -24.51 2.71
N MET A 720 13.23 -24.59 2.13
CA MET A 720 12.99 -25.53 1.02
C MET A 720 12.09 -24.89 -0.04
N MET A 721 12.34 -25.20 -1.30
CA MET A 721 11.49 -24.71 -2.37
C MET A 721 11.32 -25.81 -3.41
N TRP A 722 10.09 -26.03 -3.87
CA TRP A 722 9.81 -27.05 -4.88
C TRP A 722 8.97 -26.52 -6.02
N ARG A 723 9.36 -26.89 -7.24
CA ARG A 723 8.52 -26.65 -8.40
C ARG A 723 7.59 -27.82 -8.64
N LEU A 724 6.33 -27.52 -8.94
CA LEU A 724 5.34 -28.54 -9.26
C LEU A 724 4.86 -28.33 -10.69
N LYS A 725 4.66 -29.42 -11.41
CA LYS A 725 4.12 -29.35 -12.76
C LYS A 725 3.20 -30.53 -12.99
N ALA A 726 2.01 -30.26 -13.53
CA ALA A 726 1.04 -31.29 -13.84
C ALA A 726 1.68 -32.29 -14.78
N VAL A 727 1.49 -33.58 -14.50
CA VAL A 727 2.11 -34.64 -15.30
C VAL A 727 1.60 -34.60 -16.74
C1 EDO B . 0.72 4.03 17.24
O1 EDO B . 1.09 2.64 17.15
C2 EDO B . 0.18 4.52 15.90
O2 EDO B . -1.18 4.06 15.71
#